data_6ZK8
#
_entry.id   6ZK8
#
_cell.length_a   100.871
_cell.length_b   156.609
_cell.length_c   76.065
_cell.angle_alpha   90.000
_cell.angle_beta   137.620
_cell.angle_gamma   90.000
#
_symmetry.space_group_name_H-M   'C 1 2 1'
#
loop_
_entity.id
_entity.type
_entity.pdbx_description
1 polymer 'Coenzyme F420H2 oxidase (FprA)'
2 non-polymer DI(HYDROXYETHYL)ETHER
3 non-polymer 'PENTAETHYLENE GLYCOL'
4 non-polymer 'FE (III) ION'
5 non-polymer 'FLAVIN MONONUCLEOTIDE'
6 non-polymer 'SULFATE ION'
7 water water
#
_entity_poly.entity_id   1
_entity_poly.type   'polypeptide(L)'
_entity_poly.pdbx_seq_one_letter_code
;MKADAVKIADGVYWVGVLDWDIRMYHGYTLNGTTYNAYLVFGDDKVALIDNTYPGTSAQMWGRIKDACEKEGREFKIDVI
VQNHVEKDHSGALPEIHKKFPEAPIYCTEVAVEGLVKHFPSLKGAPFKVVKSLESIDLGGKTLTFLEAPLLHWPDSMFTL
YAEEGILFSNDAFGQHLCFTQRFDHEIPENILMDANQKFYANLITPLSKLVLKKFKEVIELGLLEKIKMIAPSHGQIWTD
PMKVIGAYQDFATGKCKDKVTIVYDTMHGSTQKMAHAFAEGIMSEGVDVKMYFLHNDERSEIVKDILDSKAFLLGAPTIY
DEPFPSVGDLIYYLKGLKFNRTGLKRLALAFGSMGGNGGGTKVLAEKLKECGFEVLDEYELYYVPTEDELEKCYNMGKRL
AVKVKEMKTE
;
_entity_poly.pdbx_strand_id   A,O
#
# COMPACT_ATOMS: atom_id res chain seq x y z
N MET A 1 -29.05 -8.01 10.18
CA MET A 1 -27.91 -8.75 9.56
C MET A 1 -27.24 -9.68 10.55
N LYS A 2 -26.91 -10.90 10.11
CA LYS A 2 -26.23 -11.84 10.96
C LYS A 2 -24.73 -11.59 10.85
N ALA A 3 -24.08 -11.42 12.00
CA ALA A 3 -22.66 -11.12 12.08
C ALA A 3 -22.15 -11.60 13.43
N ASP A 4 -21.03 -12.31 13.44
CA ASP A 4 -20.52 -12.92 14.66
C ASP A 4 -19.64 -11.96 15.44
N ALA A 5 -19.79 -11.97 16.76
CA ALA A 5 -18.90 -11.22 17.63
C ALA A 5 -17.57 -11.95 17.75
N VAL A 6 -16.56 -11.24 18.26
CA VAL A 6 -15.23 -11.80 18.49
C VAL A 6 -14.89 -11.60 19.96
N LYS A 7 -14.65 -12.71 20.66
CA LYS A 7 -14.25 -12.68 22.06
C LYS A 7 -12.79 -12.27 22.17
N ILE A 8 -12.52 -11.27 23.02
CA ILE A 8 -11.17 -10.81 23.27
C ILE A 8 -10.72 -11.06 24.70
N ALA A 9 -11.61 -11.47 25.59
CA ALA A 9 -11.32 -11.91 26.94
C ALA A 9 -12.60 -12.53 27.49
N ASP A 10 -12.50 -13.18 28.65
CA ASP A 10 -13.70 -13.79 29.22
C ASP A 10 -14.74 -12.70 29.47
N GLY A 11 -15.92 -12.87 28.88
CA GLY A 11 -16.97 -11.88 29.03
C GLY A 11 -16.74 -10.55 28.33
N VAL A 12 -15.83 -10.49 27.36
CA VAL A 12 -15.54 -9.26 26.63
C VAL A 12 -15.49 -9.58 25.14
N TYR A 13 -16.24 -8.85 24.35
CA TYR A 13 -16.37 -9.11 22.92
C TYR A 13 -16.16 -7.84 22.11
N TRP A 14 -15.53 -8.00 20.95
CA TRP A 14 -15.54 -6.97 19.91
C TRP A 14 -16.82 -7.13 19.12
N VAL A 15 -17.59 -6.05 19.03
CA VAL A 15 -18.86 -6.04 18.33
C VAL A 15 -18.86 -4.89 17.34
N GLY A 16 -17.72 -4.65 16.72
CA GLY A 16 -17.54 -3.50 15.87
C GLY A 16 -18.02 -3.71 14.44
N VAL A 17 -17.63 -2.76 13.60
CA VAL A 17 -18.10 -2.69 12.22
C VAL A 17 -16.89 -2.68 11.30
N LEU A 18 -16.94 -3.52 10.27
CA LEU A 18 -15.92 -3.55 9.23
C LEU A 18 -16.38 -2.66 8.08
N ASP A 19 -15.75 -1.50 7.93
CA ASP A 19 -16.06 -0.60 6.83
C ASP A 19 -15.14 -0.95 5.68
N TRP A 20 -15.58 -1.96 4.92
CA TRP A 20 -14.75 -2.48 3.84
C TRP A 20 -14.43 -1.42 2.80
N ASP A 21 -15.39 -0.55 2.50
CA ASP A 21 -15.41 0.17 1.23
C ASP A 21 -14.97 1.63 1.32
N ILE A 22 -14.81 2.18 2.51
CA ILE A 22 -14.43 3.58 2.64
C ILE A 22 -13.00 3.77 2.14
N ARG A 23 -12.79 4.84 1.39
CA ARG A 23 -11.49 5.15 0.81
C ARG A 23 -10.97 6.53 1.21
N MET A 24 -11.76 7.36 1.88
CA MET A 24 -11.29 8.66 2.38
C MET A 24 -12.08 9.04 3.62
N TYR A 25 -11.42 9.72 4.54
CA TYR A 25 -12.03 10.20 5.78
C TYR A 25 -11.10 11.28 6.33
N HIS A 26 -11.68 12.28 7.00
CA HIS A 26 -10.92 13.45 7.52
C HIS A 26 -10.20 14.02 6.31
N GLY A 27 -8.89 14.22 6.36
CA GLY A 27 -8.12 14.57 5.19
C GLY A 27 -7.18 13.45 4.75
N TYR A 28 -7.64 12.20 4.82
CA TYR A 28 -6.87 10.94 4.86
CA TYR A 28 -6.71 11.13 4.52
C TYR A 28 -7.39 10.00 3.78
N THR A 29 -6.49 9.29 3.11
CA THR A 29 -6.90 8.15 2.26
C THR A 29 -6.76 6.85 3.04
N LEU A 30 -7.60 5.87 2.72
CA LEU A 30 -7.51 4.56 3.39
C LEU A 30 -8.07 3.45 2.48
N ASN A 31 -7.76 2.22 2.81
CA ASN A 31 -8.29 1.07 2.10
CA ASN A 31 -8.33 1.08 2.09
C ASN A 31 -9.23 0.32 3.03
N GLY A 32 -10.25 0.98 3.54
CA GLY A 32 -11.14 0.43 4.52
C GLY A 32 -10.63 0.68 5.92
N THR A 33 -11.56 0.64 6.86
CA THR A 33 -11.22 0.70 8.27
C THR A 33 -12.31 -0.02 9.05
N THR A 34 -12.20 0.02 10.38
CA THR A 34 -13.21 -0.53 11.28
C THR A 34 -13.60 0.56 12.27
N TYR A 35 -14.81 0.40 12.82
CA TYR A 35 -15.32 1.20 13.94
C TYR A 35 -15.46 0.17 15.06
N ASN A 36 -14.48 0.12 15.95
CA ASN A 36 -14.44 -0.90 17.00
C ASN A 36 -15.32 -0.48 18.16
N ALA A 37 -16.29 -1.33 18.50
CA ALA A 37 -17.11 -1.20 19.70
C ALA A 37 -16.99 -2.49 20.48
N TYR A 38 -17.13 -2.40 21.80
CA TYR A 38 -16.86 -3.53 22.68
C TYR A 38 -17.99 -3.74 23.67
N LEU A 39 -18.27 -5.01 23.96
CA LEU A 39 -19.36 -5.41 24.85
C LEU A 39 -18.74 -6.14 26.03
N VAL A 40 -19.02 -5.65 27.23
CA VAL A 40 -18.43 -6.18 28.46
C VAL A 40 -19.55 -6.75 29.32
N PHE A 41 -19.50 -8.06 29.58
CA PHE A 41 -20.54 -8.76 30.34
C PHE A 41 -20.09 -8.86 31.79
N GLY A 42 -20.57 -7.97 32.62
CA GLY A 42 -20.46 -8.14 34.05
C GLY A 42 -21.54 -9.07 34.59
N ASP A 43 -21.37 -9.49 35.85
CA ASP A 43 -22.36 -10.36 36.45
C ASP A 43 -23.73 -9.70 36.46
N ASP A 44 -23.78 -8.39 36.71
CA ASP A 44 -25.03 -7.67 36.85
C ASP A 44 -25.37 -6.79 35.65
N LYS A 45 -24.39 -6.11 35.08
CA LYS A 45 -24.68 -5.17 33.97
C LYS A 45 -23.80 -5.47 32.75
N VAL A 46 -24.40 -5.34 31.57
CA VAL A 46 -23.71 -5.45 30.30
C VAL A 46 -23.44 -4.05 29.78
N ALA A 47 -22.19 -3.75 29.43
CA ALA A 47 -21.78 -2.42 29.02
C ALA A 47 -21.31 -2.44 27.57
N LEU A 48 -21.82 -1.49 26.77
CA LEU A 48 -21.36 -1.28 25.40
C LEU A 48 -20.46 -0.05 25.37
N ILE A 49 -19.26 -0.22 24.86
CA ILE A 49 -18.25 0.84 24.82
C ILE A 49 -18.12 1.31 23.38
N ASP A 50 -18.55 2.55 23.13
CA ASP A 50 -18.56 3.15 21.80
C ASP A 50 -19.44 2.37 20.84
N ASN A 51 -19.66 2.92 19.65
CA ASN A 51 -20.49 2.25 18.64
C ASN A 51 -19.94 2.53 17.25
N THR A 52 -20.70 3.17 16.37
CA THR A 52 -20.28 3.19 14.96
C THR A 52 -20.89 4.37 14.21
N TYR A 53 -20.46 4.52 12.94
CA TYR A 53 -20.85 5.62 12.07
C TYR A 53 -22.34 5.53 11.70
N PRO A 54 -23.02 6.66 11.54
CA PRO A 54 -24.45 6.59 11.21
C PRO A 54 -24.70 5.77 9.96
N GLY A 55 -25.70 4.90 10.04
CA GLY A 55 -26.07 4.06 8.93
C GLY A 55 -25.34 2.76 8.82
N THR A 56 -24.39 2.47 9.71
CA THR A 56 -23.57 1.27 9.64
C THR A 56 -23.79 0.33 10.81
N SER A 57 -24.92 0.48 11.53
CA SER A 57 -25.13 -0.28 12.77
C SER A 57 -25.56 -1.74 12.54
N ALA A 58 -25.91 -2.13 11.32
CA ALA A 58 -26.42 -3.47 11.09
C ALA A 58 -25.43 -4.54 11.56
N GLN A 59 -24.15 -4.39 11.22
CA GLN A 59 -23.14 -5.33 11.71
C GLN A 59 -23.06 -5.32 13.22
N MET A 60 -23.04 -4.12 13.82
CA MET A 60 -22.90 -4.01 15.27
C MET A 60 -24.01 -4.77 15.98
N TRP A 61 -25.27 -4.53 15.59
CA TRP A 61 -26.37 -5.17 16.26
C TRP A 61 -26.32 -6.68 16.08
N GLY A 62 -25.88 -7.14 14.92
CA GLY A 62 -25.74 -8.56 14.72
C GLY A 62 -24.74 -9.18 15.67
N ARG A 63 -23.61 -8.50 15.87
CA ARG A 63 -22.58 -9.02 16.75
C ARG A 63 -23.00 -8.92 18.20
N ILE A 64 -23.73 -7.86 18.56
CA ILE A 64 -24.24 -7.75 19.93
C ILE A 64 -25.20 -8.91 20.22
N LYS A 65 -26.11 -9.16 19.29
CA LYS A 65 -27.02 -10.29 19.44
C LYS A 65 -26.25 -11.59 19.57
N ASP A 66 -25.23 -11.80 18.74
CA ASP A 66 -24.44 -13.03 18.80
C ASP A 66 -23.72 -13.15 20.14
N ALA A 67 -23.15 -12.06 20.64
CA ALA A 67 -22.44 -12.12 21.91
C ALA A 67 -23.37 -12.49 23.06
N CYS A 68 -24.58 -11.92 23.08
CA CYS A 68 -25.53 -12.25 24.14
C CYS A 68 -25.95 -13.70 24.05
N GLU A 69 -26.09 -14.22 22.84
CA GLU A 69 -26.43 -15.65 22.67
C GLU A 69 -25.30 -16.49 23.26
N LYS A 70 -24.04 -16.18 22.91
CA LYS A 70 -22.90 -16.96 23.39
C LYS A 70 -22.78 -16.92 24.91
N GLU A 71 -23.16 -15.81 25.52
CA GLU A 71 -23.13 -15.66 26.96
C GLU A 71 -24.38 -16.17 27.64
N GLY A 72 -25.35 -16.70 26.89
CA GLY A 72 -26.59 -17.13 27.49
C GLY A 72 -27.34 -16.00 28.14
N ARG A 73 -27.18 -14.78 27.64
CA ARG A 73 -27.80 -13.60 28.24
C ARG A 73 -28.87 -13.04 27.32
N GLU A 74 -29.75 -12.24 27.93
CA GLU A 74 -30.76 -11.49 27.21
C GLU A 74 -30.11 -10.49 26.27
N PHE A 75 -30.78 -10.25 25.14
CA PHE A 75 -30.35 -9.20 24.21
C PHE A 75 -30.62 -7.86 24.88
N LYS A 76 -29.69 -7.39 25.72
CA LYS A 76 -29.93 -6.24 26.56
C LYS A 76 -28.64 -5.53 26.89
N ILE A 77 -28.65 -4.21 26.79
CA ILE A 77 -27.54 -3.37 27.19
C ILE A 77 -27.96 -2.57 28.42
N ASP A 78 -27.18 -2.68 29.49
CA ASP A 78 -27.45 -2.00 30.75
C ASP A 78 -26.70 -0.68 30.90
N VAL A 79 -25.53 -0.57 30.26
CA VAL A 79 -24.63 0.56 30.44
C VAL A 79 -24.09 0.96 29.07
N ILE A 80 -24.03 2.26 28.81
CA ILE A 80 -23.46 2.80 27.58
C ILE A 80 -22.31 3.72 27.94
N VAL A 81 -21.14 3.48 27.33
CA VAL A 81 -19.97 4.33 27.44
C VAL A 81 -19.70 4.98 26.09
N GLN A 82 -19.51 6.29 26.10
CA GLN A 82 -19.21 7.06 24.90
C GLN A 82 -17.91 7.80 25.15
N ASN A 83 -16.81 7.24 24.65
CA ASN A 83 -15.49 7.80 24.91
C ASN A 83 -15.24 9.10 24.15
N HIS A 84 -16.01 9.37 23.12
CA HIS A 84 -15.63 10.34 22.09
C HIS A 84 -16.89 10.64 21.31
N VAL A 85 -17.11 11.92 21.04
CA VAL A 85 -18.36 12.29 20.40
C VAL A 85 -18.35 12.23 18.87
N GLU A 86 -17.18 12.21 18.23
CA GLU A 86 -17.13 12.19 16.77
C GLU A 86 -17.96 11.03 16.22
N LYS A 87 -18.64 11.26 15.10
CA LYS A 87 -19.76 10.41 14.75
C LYS A 87 -19.35 9.04 14.23
N ASP A 88 -18.05 8.80 13.92
CA ASP A 88 -17.70 7.42 13.58
C ASP A 88 -17.66 6.53 14.81
N HIS A 89 -17.84 7.10 16.00
CA HIS A 89 -17.91 6.32 17.24
C HIS A 89 -19.19 6.55 18.02
N SER A 90 -19.99 7.52 17.65
CA SER A 90 -21.24 7.85 18.34
C SER A 90 -22.46 7.79 17.44
N GLY A 91 -22.29 7.50 16.17
CA GLY A 91 -23.38 7.64 15.21
C GLY A 91 -24.60 6.80 15.52
N ALA A 92 -24.43 5.71 16.25
CA ALA A 92 -25.52 4.84 16.61
C ALA A 92 -26.06 5.08 18.01
N LEU A 93 -25.50 6.05 18.74
CA LEU A 93 -26.01 6.35 20.08
C LEU A 93 -27.50 6.69 20.09
N PRO A 94 -28.05 7.46 19.15
CA PRO A 94 -29.52 7.65 19.14
C PRO A 94 -30.29 6.35 19.01
N GLU A 95 -29.84 5.44 18.15
CA GLU A 95 -30.46 4.11 18.06
C GLU A 95 -30.35 3.36 19.38
N ILE A 96 -29.16 3.32 19.99
CA ILE A 96 -28.96 2.56 21.22
C ILE A 96 -29.81 3.12 22.33
N HIS A 97 -29.90 4.45 22.43
CA HIS A 97 -30.73 5.06 23.46
C HIS A 97 -32.21 4.78 23.23
N LYS A 98 -32.65 4.82 21.98
CA LYS A 98 -34.07 4.59 21.71
C LYS A 98 -34.46 3.16 22.11
N LYS A 99 -33.51 2.24 21.98
CA LYS A 99 -33.74 0.80 22.24
C LYS A 99 -33.63 0.48 23.73
N PHE A 100 -32.74 1.17 24.43
CA PHE A 100 -32.47 0.93 25.85
C PHE A 100 -32.48 2.32 26.49
N PRO A 101 -33.66 2.92 26.64
CA PRO A 101 -33.72 4.32 27.09
C PRO A 101 -33.38 4.51 28.57
N GLU A 102 -33.30 3.43 29.35
CA GLU A 102 -32.95 3.53 30.75
C GLU A 102 -31.49 3.29 31.02
N ALA A 103 -30.73 2.84 30.03
CA ALA A 103 -29.31 2.60 30.21
C ALA A 103 -28.55 3.92 30.32
N PRO A 104 -27.88 4.20 31.43
CA PRO A 104 -27.14 5.47 31.52
C PRO A 104 -26.04 5.54 30.48
N ILE A 105 -25.71 6.77 30.07
CA ILE A 105 -24.68 7.07 29.09
C ILE A 105 -23.56 7.81 29.80
N TYR A 106 -22.42 7.14 29.95
CA TYR A 106 -21.28 7.71 30.66
C TYR A 106 -20.35 8.39 29.66
N CYS A 107 -20.03 9.65 29.94
CA CYS A 107 -19.19 10.44 29.05
C CYS A 107 -18.64 11.61 29.84
N THR A 108 -17.78 12.41 29.20
CA THR A 108 -17.22 13.57 29.85
C THR A 108 -18.23 14.72 29.85
N GLU A 109 -17.91 15.77 30.61
CA GLU A 109 -18.81 16.91 30.73
C GLU A 109 -19.06 17.56 29.38
N VAL A 110 -17.99 17.90 28.65
CA VAL A 110 -18.18 18.60 27.39
C VAL A 110 -18.73 17.66 26.33
N ALA A 111 -18.65 16.36 26.54
CA ALA A 111 -19.22 15.44 25.57
C ALA A 111 -20.73 15.55 25.51
N VAL A 112 -21.37 15.85 26.65
CA VAL A 112 -22.86 15.94 26.65
C VAL A 112 -23.31 17.01 25.64
N GLU A 113 -22.73 18.20 25.66
CA GLU A 113 -23.16 19.26 24.72
C GLU A 113 -22.90 18.79 23.28
N GLY A 114 -21.74 18.22 23.04
CA GLY A 114 -21.41 17.76 21.69
C GLY A 114 -22.38 16.71 21.19
N LEU A 115 -22.75 15.75 22.04
CA LEU A 115 -23.61 14.67 21.55
C LEU A 115 -25.02 15.17 21.29
N VAL A 116 -25.52 16.09 22.12
CA VAL A 116 -26.85 16.64 21.92
C VAL A 116 -26.89 17.52 20.68
N LYS A 117 -25.80 18.27 20.42
CA LYS A 117 -25.75 19.06 19.19
C LYS A 117 -25.72 18.16 17.95
N HIS A 118 -25.02 17.02 18.01
CA HIS A 118 -25.01 16.07 16.90
C HIS A 118 -26.37 15.40 16.75
N PHE A 119 -27.00 15.01 17.86
CA PHE A 119 -28.17 14.15 17.86
C PHE A 119 -29.20 14.73 18.82
N PRO A 120 -30.08 15.60 18.32
CA PRO A 120 -31.01 16.29 19.23
C PRO A 120 -31.98 15.35 19.94
N SER A 121 -32.22 14.14 19.42
CA SER A 121 -33.09 13.21 20.13
C SER A 121 -32.51 12.72 21.45
N LEU A 122 -31.23 12.98 21.71
CA LEU A 122 -30.61 12.61 22.97
C LEU A 122 -30.85 13.62 24.08
N LYS A 123 -31.49 14.74 23.79
CA LYS A 123 -31.84 15.70 24.82
C LYS A 123 -32.78 15.05 25.80
N GLY A 124 -32.38 14.99 27.07
CA GLY A 124 -33.14 14.28 28.06
C GLY A 124 -32.73 12.84 28.28
N ALA A 125 -31.67 12.39 27.62
CA ALA A 125 -31.16 11.05 27.83
C ALA A 125 -30.47 10.95 29.19
N PRO A 126 -30.42 9.74 29.78
CA PRO A 126 -29.80 9.60 31.11
C PRO A 126 -28.28 9.70 31.05
N PHE A 127 -27.77 10.88 30.74
CA PHE A 127 -26.33 11.12 30.76
C PHE A 127 -25.81 11.11 32.19
N LYS A 128 -24.64 10.54 32.38
CA LYS A 128 -23.91 10.56 33.65
C LYS A 128 -22.49 11.01 33.37
N VAL A 129 -22.21 12.27 33.73
CA VAL A 129 -20.89 12.85 33.49
C VAL A 129 -19.89 12.21 34.43
N VAL A 130 -18.75 11.81 33.87
CA VAL A 130 -17.69 11.17 34.62
C VAL A 130 -16.44 12.02 34.55
N LYS A 131 -15.55 11.81 35.52
CA LYS A 131 -14.24 12.45 35.56
C LYS A 131 -13.16 11.38 35.79
N SER A 132 -11.91 11.78 35.57
CA SER A 132 -10.79 10.85 35.67
C SER A 132 -10.78 10.13 37.03
N LEU A 133 -10.43 8.85 37.00
CA LEU A 133 -10.29 7.94 38.11
C LEU A 133 -11.62 7.54 38.74
N GLU A 134 -12.75 7.97 38.19
CA GLU A 134 -14.03 7.44 38.65
C GLU A 134 -14.27 6.07 38.02
N SER A 135 -14.97 5.23 38.76
CA SER A 135 -15.17 3.84 38.36
C SER A 135 -16.64 3.48 38.49
N ILE A 136 -17.03 2.43 37.75
CA ILE A 136 -18.34 1.83 37.93
C ILE A 136 -18.17 0.32 37.95
N ASP A 137 -19.01 -0.35 38.75
CA ASP A 137 -18.95 -1.80 38.91
C ASP A 137 -20.02 -2.46 38.06
N LEU A 138 -19.61 -3.44 37.25
CA LEU A 138 -20.55 -4.20 36.45
C LEU A 138 -20.94 -5.54 37.09
N GLY A 139 -20.32 -5.91 38.22
CA GLY A 139 -20.50 -7.21 38.81
C GLY A 139 -19.32 -8.11 38.47
N GLY A 140 -18.24 -7.99 39.25
CA GLY A 140 -17.02 -8.70 38.98
C GLY A 140 -16.10 -8.04 37.98
N LYS A 141 -16.58 -7.02 37.28
CA LYS A 141 -15.77 -6.29 36.30
C LYS A 141 -15.91 -4.80 36.58
N THR A 142 -14.79 -4.09 36.52
CA THR A 142 -14.76 -2.66 36.81
C THR A 142 -14.31 -1.88 35.58
N LEU A 143 -15.01 -0.79 35.27
CA LEU A 143 -14.61 0.14 34.22
C LEU A 143 -14.17 1.43 34.90
N THR A 144 -12.95 1.86 34.62
CA THR A 144 -12.39 3.07 35.20
C THR A 144 -12.16 4.07 34.07
N PHE A 145 -12.57 5.31 34.29
CA PHE A 145 -12.50 6.33 33.25
C PHE A 145 -11.26 7.20 33.43
N LEU A 146 -10.64 7.56 32.31
CA LEU A 146 -9.48 8.45 32.31
C LEU A 146 -9.69 9.50 31.23
N GLU A 147 -9.76 10.78 31.65
CA GLU A 147 -9.98 11.86 30.70
C GLU A 147 -8.75 12.05 29.81
N ALA A 148 -9.01 12.41 28.56
CA ALA A 148 -7.95 12.61 27.57
C ALA A 148 -8.32 13.76 26.65
N PRO A 149 -8.50 14.96 27.20
CA PRO A 149 -8.90 16.10 26.36
C PRO A 149 -7.89 16.35 25.26
N LEU A 150 -8.40 16.65 24.06
CA LEU A 150 -7.60 16.91 22.87
C LEU A 150 -6.70 15.71 22.50
N LEU A 151 -7.19 14.51 22.80
CA LEU A 151 -6.59 13.27 22.32
C LEU A 151 -7.69 12.38 21.74
N HIS A 152 -8.32 12.83 20.65
CA HIS A 152 -7.91 14.01 19.91
C HIS A 152 -8.93 15.17 19.87
N TRP A 153 -10.02 15.02 20.60
CA TRP A 153 -11.01 16.07 20.76
C TRP A 153 -11.14 16.45 22.24
N PRO A 154 -11.73 17.61 22.52
CA PRO A 154 -11.87 18.03 23.92
C PRO A 154 -12.68 17.05 24.75
N ASP A 155 -13.55 16.27 24.12
CA ASP A 155 -14.46 15.35 24.80
C ASP A 155 -13.86 13.98 25.03
N SER A 156 -12.64 13.72 24.56
CA SER A 156 -12.14 12.36 24.51
C SER A 156 -11.83 11.83 25.91
N MET A 157 -11.98 10.51 26.06
CA MET A 157 -11.57 9.83 27.27
C MET A 157 -11.25 8.38 26.93
N PHE A 158 -10.54 7.72 27.85
CA PHE A 158 -10.29 6.29 27.78
C PHE A 158 -11.13 5.58 28.83
N THR A 159 -11.41 4.30 28.59
CA THR A 159 -12.09 3.45 29.56
C THR A 159 -11.25 2.20 29.77
N LEU A 160 -10.90 1.93 31.02
CA LEU A 160 -10.08 0.79 31.38
C LEU A 160 -10.94 -0.25 32.09
N TYR A 161 -10.92 -1.48 31.59
CA TYR A 161 -11.46 -2.65 32.30
C TYR A 161 -10.33 -3.20 33.18
N ALA A 162 -10.43 -2.94 34.49
CA ALA A 162 -9.30 -3.06 35.39
C ALA A 162 -8.83 -4.50 35.55
N GLU A 163 -9.75 -5.45 35.63
CA GLU A 163 -9.38 -6.79 36.03
C GLU A 163 -8.52 -7.49 34.99
N GLU A 164 -8.68 -7.18 33.70
CA GLU A 164 -7.83 -7.74 32.66
C GLU A 164 -6.89 -6.73 32.03
N GLY A 165 -6.90 -5.48 32.51
CA GLY A 165 -6.01 -4.48 31.98
C GLY A 165 -6.24 -4.10 30.53
N ILE A 166 -7.49 -4.11 30.07
CA ILE A 166 -7.83 -3.78 28.70
C ILE A 166 -8.18 -2.29 28.66
N LEU A 167 -7.37 -1.51 27.97
CA LEU A 167 -7.59 -0.08 27.83
C LEU A 167 -8.33 0.17 26.53
N PHE A 168 -9.54 0.69 26.63
CA PHE A 168 -10.32 1.15 25.48
C PHE A 168 -9.99 2.62 25.25
N SER A 169 -9.08 2.87 24.33
CA SER A 169 -8.42 4.16 24.16
C SER A 169 -9.05 5.03 23.07
N ASN A 170 -10.16 4.59 22.47
CA ASN A 170 -10.85 5.26 21.35
C ASN A 170 -9.82 5.52 20.25
N ASP A 171 -9.73 6.74 19.71
CA ASP A 171 -8.91 6.95 18.52
C ASP A 171 -7.43 6.72 18.81
N ALA A 172 -6.96 7.09 20.00
CA ALA A 172 -5.55 6.94 20.37
C ALA A 172 -5.11 5.49 20.13
N PHE A 173 -4.00 5.34 19.44
CA PHE A 173 -3.38 4.05 19.13
C PHE A 173 -4.16 3.30 18.05
N GLY A 174 -5.13 3.92 17.45
CA GLY A 174 -5.83 3.30 16.34
C GLY A 174 -5.03 3.35 15.06
N GLN A 175 -5.46 2.53 14.09
CA GLN A 175 -4.91 2.54 12.75
C GLN A 175 -6.05 2.18 11.78
N HIS A 176 -6.01 2.78 10.62
CA HIS A 176 -7.08 2.56 9.65
C HIS A 176 -6.73 1.35 8.83
N LEU A 177 -7.19 0.20 9.30
CA LEU A 177 -6.98 -1.08 8.65
C LEU A 177 -8.28 -1.85 8.76
N CYS A 178 -8.67 -2.56 7.70
CA CYS A 178 -9.88 -3.39 7.69
C CYS A 178 -9.50 -4.81 7.28
N PHE A 179 -9.25 -5.65 8.28
CA PHE A 179 -8.92 -7.05 8.09
C PHE A 179 -9.92 -7.91 8.85
N THR A 180 -10.03 -9.18 8.43
CA THR A 180 -10.78 -10.13 9.22
C THR A 180 -10.05 -10.44 10.52
N GLN A 181 -8.73 -10.32 10.53
CA GLN A 181 -7.94 -10.49 11.74
C GLN A 181 -8.11 -9.28 12.65
N ARG A 182 -8.27 -9.52 13.94
CA ARG A 182 -8.55 -8.46 14.89
C ARG A 182 -7.36 -7.99 15.71
N PHE A 183 -6.29 -8.76 15.79
CA PHE A 183 -5.19 -8.47 16.71
C PHE A 183 -3.91 -8.09 15.96
N ASP A 184 -3.05 -7.37 16.68
CA ASP A 184 -1.81 -6.87 16.08
C ASP A 184 -0.93 -8.01 15.54
N HIS A 185 -0.80 -9.09 16.29
CA HIS A 185 0.13 -10.14 15.90
C HIS A 185 -0.38 -10.97 14.73
N GLU A 186 -1.61 -10.78 14.29
CA GLU A 186 -2.17 -11.61 13.24
C GLU A 186 -1.96 -11.05 11.86
N ILE A 187 -1.38 -9.86 11.71
CA ILE A 187 -1.10 -9.28 10.39
C ILE A 187 0.38 -8.94 10.33
N PRO A 188 0.93 -8.73 9.14
CA PRO A 188 2.35 -8.39 9.03
C PRO A 188 2.68 -7.11 9.79
N GLU A 189 3.81 -7.14 10.50
CA GLU A 189 4.21 -6.03 11.33
C GLU A 189 4.35 -4.76 10.52
N ASN A 190 4.90 -4.85 9.30
CA ASN A 190 5.12 -3.66 8.48
C ASN A 190 3.81 -2.94 8.17
N ILE A 191 2.77 -3.70 7.85
CA ILE A 191 1.48 -3.10 7.59
C ILE A 191 0.94 -2.43 8.85
N LEU A 192 1.03 -3.14 9.97
CA LEU A 192 0.54 -2.59 11.24
C LEU A 192 1.21 -1.28 11.58
N MET A 193 2.54 -1.25 11.55
CA MET A 193 3.27 -0.08 12.01
C MET A 193 3.24 1.03 10.97
N ASP A 194 3.18 0.72 9.68
CA ASP A 194 3.03 1.78 8.69
C ASP A 194 1.68 2.47 8.86
N ALA A 195 0.62 1.70 9.15
CA ALA A 195 -0.70 2.28 9.41
C ALA A 195 -0.71 3.07 10.71
N ASN A 196 -0.06 2.55 11.74
CA ASN A 196 0.09 3.34 12.96
C ASN A 196 0.82 4.65 12.69
N GLN A 197 1.87 4.63 11.86
CA GLN A 197 2.61 5.85 11.57
C GLN A 197 1.73 6.86 10.82
N LYS A 198 0.95 6.38 9.85
CA LYS A 198 0.07 7.28 9.11
C LYS A 198 -0.99 7.88 10.03
N PHE A 199 -1.55 7.07 10.93
CA PHE A 199 -2.54 7.59 11.87
C PHE A 199 -1.95 8.67 12.77
N TYR A 200 -0.79 8.41 13.35
CA TYR A 200 -0.14 9.43 14.18
C TYR A 200 0.15 10.70 13.38
N ALA A 201 0.79 10.55 12.22
CA ALA A 201 1.21 11.70 11.42
C ALA A 201 0.03 12.61 11.11
N ASN A 202 -1.10 12.03 10.73
CA ASN A 202 -2.24 12.79 10.26
C ASN A 202 -3.16 13.25 11.37
N LEU A 203 -3.16 12.58 12.51
CA LEU A 203 -4.10 12.92 13.57
C LEU A 203 -3.48 13.31 14.89
N ILE A 204 -2.27 12.82 15.20
CA ILE A 204 -1.70 13.01 16.53
C ILE A 204 -0.54 14.01 16.54
N THR A 205 0.10 14.28 15.41
CA THR A 205 1.29 15.14 15.42
C THR A 205 1.10 16.43 16.22
N PRO A 206 0.08 17.26 15.99
CA PRO A 206 -0.01 18.52 16.75
C PRO A 206 -0.27 18.31 18.24
N LEU A 207 -0.60 17.10 18.66
CA LEU A 207 -0.85 16.77 20.05
C LEU A 207 0.35 16.11 20.71
N SER A 208 1.52 16.18 20.07
CA SER A 208 2.67 15.40 20.52
C SER A 208 3.02 15.73 21.96
N LYS A 209 2.89 17.00 22.36
CA LYS A 209 3.22 17.37 23.73
C LYS A 209 2.18 16.87 24.72
N LEU A 210 0.91 16.85 24.32
CA LEU A 210 -0.13 16.26 25.17
C LEU A 210 0.05 14.75 25.30
N VAL A 211 0.57 14.10 24.26
CA VAL A 211 0.87 12.67 24.36
C VAL A 211 1.88 12.43 25.47
N LEU A 212 2.99 13.18 25.47
CA LEU A 212 4.03 12.98 26.47
C LEU A 212 3.50 13.27 27.86
N LYS A 213 2.64 14.28 28.00
CA LYS A 213 2.04 14.58 29.29
C LYS A 213 1.13 13.44 29.75
N LYS A 214 0.31 12.90 28.85
CA LYS A 214 -0.57 11.80 29.23
C LYS A 214 0.25 10.56 29.59
N PHE A 215 1.35 10.33 28.88
CA PHE A 215 2.23 9.23 29.25
C PHE A 215 2.81 9.44 30.64
N LYS A 216 3.22 10.66 30.95
CA LYS A 216 3.80 10.96 32.25
C LYS A 216 2.78 10.80 33.37
N GLU A 217 1.51 11.13 33.10
CA GLU A 217 0.46 10.93 34.09
C GLU A 217 0.18 9.45 34.29
N VAL A 218 0.10 8.69 33.20
CA VAL A 218 -0.18 7.26 33.31
C VAL A 218 0.93 6.56 34.08
N ILE A 219 2.18 6.97 33.87
CA ILE A 219 3.30 6.34 34.57
C ILE A 219 3.25 6.65 36.06
N GLU A 220 3.06 7.94 36.39
CA GLU A 220 3.02 8.34 37.78
C GLU A 220 1.82 7.77 38.51
N LEU A 221 0.74 7.45 37.78
CA LEU A 221 -0.38 6.73 38.36
C LEU A 221 -0.03 5.29 38.68
N GLY A 222 1.16 4.82 38.28
CA GLY A 222 1.49 3.42 38.43
C GLY A 222 0.67 2.54 37.51
N LEU A 223 0.07 3.12 36.50
CA LEU A 223 -0.94 2.48 35.68
C LEU A 223 -0.38 1.85 34.41
N LEU A 224 0.80 2.27 33.96
CA LEU A 224 1.34 1.71 32.72
C LEU A 224 1.52 0.20 32.81
N GLU A 225 2.03 -0.28 33.94
CA GLU A 225 2.22 -1.71 34.11
C GLU A 225 0.90 -2.46 34.23
N LYS A 226 -0.19 -1.75 34.47
CA LYS A 226 -1.50 -2.37 34.57
C LYS A 226 -2.22 -2.46 33.23
N ILE A 227 -1.60 -2.02 32.15
CA ILE A 227 -2.20 -2.07 30.81
C ILE A 227 -1.63 -3.28 30.08
N LYS A 228 -2.47 -4.29 29.85
CA LYS A 228 -2.06 -5.51 29.17
C LYS A 228 -2.58 -5.61 27.75
N MET A 229 -3.58 -4.79 27.38
CA MET A 229 -4.16 -4.82 26.05
C MET A 229 -4.70 -3.43 25.75
N ILE A 230 -4.39 -2.91 24.57
CA ILE A 230 -4.95 -1.66 24.10
C ILE A 230 -5.90 -1.99 22.99
N ALA A 231 -7.19 -1.68 23.18
CA ALA A 231 -8.25 -1.93 22.22
C ALA A 231 -8.74 -0.61 21.68
N PRO A 232 -8.19 -0.13 20.58
CA PRO A 232 -8.57 1.19 20.04
C PRO A 232 -9.88 1.13 19.26
N SER A 233 -10.31 2.28 18.79
CA SER A 233 -11.57 2.39 18.06
C SER A 233 -11.42 2.22 16.54
N HIS A 234 -10.19 2.06 16.04
CA HIS A 234 -9.96 1.77 14.63
C HIS A 234 -8.85 0.75 14.54
N GLY A 235 -9.06 -0.26 13.70
CA GLY A 235 -7.98 -1.19 13.40
C GLY A 235 -7.74 -2.27 14.45
N GLN A 236 -6.47 -2.67 14.56
CA GLN A 236 -6.09 -3.85 15.32
C GLN A 236 -6.02 -3.56 16.82
N ILE A 237 -6.33 -4.59 17.60
CA ILE A 237 -6.19 -4.56 19.05
C ILE A 237 -4.76 -4.95 19.38
N TRP A 238 -4.13 -4.15 20.24
CA TRP A 238 -2.73 -4.36 20.60
C TRP A 238 -2.65 -5.34 21.77
N THR A 239 -2.22 -6.57 21.51
CA THR A 239 -1.84 -7.49 22.57
C THR A 239 -0.43 -7.21 23.10
N ASP A 240 0.34 -6.36 22.42
CA ASP A 240 1.66 -5.89 22.84
C ASP A 240 1.56 -4.37 23.01
N PRO A 241 0.94 -3.90 24.09
CA PRO A 241 0.70 -2.45 24.23
C PRO A 241 1.97 -1.61 24.18
N MET A 242 3.08 -2.13 24.72
CA MET A 242 4.31 -1.34 24.76
C MET A 242 4.87 -1.09 23.36
N LYS A 243 4.51 -1.91 22.37
CA LYS A 243 4.97 -1.66 21.00
C LYS A 243 4.42 -0.35 20.46
N VAL A 244 3.13 -0.10 20.66
CA VAL A 244 2.53 1.13 20.15
C VAL A 244 2.83 2.31 21.07
N ILE A 245 2.99 2.08 22.37
CA ILE A 245 3.37 3.18 23.25
C ILE A 245 4.79 3.64 22.93
N GLY A 246 5.68 2.69 22.63
CA GLY A 246 7.01 3.07 22.22
C GLY A 246 7.02 3.84 20.92
N ALA A 247 6.17 3.42 19.98
CA ALA A 247 6.08 4.13 18.71
C ALA A 247 5.63 5.56 18.93
N TYR A 248 4.57 5.75 19.72
CA TYR A 248 4.10 7.10 20.02
C TYR A 248 5.19 7.92 20.70
N GLN A 249 5.95 7.30 21.61
CA GLN A 249 7.04 8.02 22.27
C GLN A 249 8.06 8.52 21.26
N ASP A 250 8.45 7.65 20.31
CA ASP A 250 9.38 8.06 19.28
C ASP A 250 8.82 9.21 18.45
N PHE A 251 7.58 9.07 17.96
CA PHE A 251 7.00 10.10 17.11
C PHE A 251 6.86 11.43 17.85
N ALA A 252 6.56 11.36 19.16
CA ALA A 252 6.34 12.57 19.94
C ALA A 252 7.63 13.28 20.32
N THR A 253 8.79 12.63 20.18
CA THR A 253 10.06 13.24 20.54
C THR A 253 10.98 13.45 19.34
N GLY A 254 10.49 13.21 18.13
CA GLY A 254 11.25 13.51 16.94
C GLY A 254 12.32 12.52 16.55
N LYS A 255 12.11 11.24 16.82
CA LYS A 255 13.07 10.22 16.41
C LYS A 255 12.86 9.90 14.94
N CYS A 256 13.80 10.31 14.11
CA CYS A 256 13.67 10.20 12.65
C CYS A 256 14.81 9.38 12.06
N LYS A 257 14.62 8.96 10.83
CA LYS A 257 15.62 8.22 10.07
C LYS A 257 16.43 9.17 9.19
N ASP A 258 17.54 8.64 8.66
CA ASP A 258 18.34 9.34 7.65
C ASP A 258 17.55 9.29 6.36
N LYS A 259 16.59 10.20 6.22
CA LYS A 259 15.54 10.11 5.23
C LYS A 259 15.07 11.50 4.88
N VAL A 260 14.82 11.73 3.61
CA VAL A 260 14.33 13.00 3.10
C VAL A 260 13.05 12.73 2.32
N THR A 261 12.01 13.50 2.60
CA THR A 261 10.81 13.49 1.78
C THR A 261 10.83 14.68 0.84
N ILE A 262 10.68 14.42 -0.45
CA ILE A 262 10.69 15.43 -1.50
C ILE A 262 9.31 15.53 -2.09
N VAL A 263 8.77 16.75 -2.11
CA VAL A 263 7.45 17.02 -2.68
C VAL A 263 7.58 18.12 -3.74
N TYR A 264 6.93 17.94 -4.87
CA TYR A 264 6.97 18.94 -5.92
C TYR A 264 5.70 18.87 -6.76
N ASP A 265 5.48 19.93 -7.49
CA ASP A 265 4.56 19.91 -8.63
C ASP A 265 5.28 20.54 -9.81
N THR A 266 4.75 20.33 -11.02
CA THR A 266 5.35 20.83 -12.24
C THR A 266 4.27 20.95 -13.29
N MET A 267 4.47 21.89 -14.21
CA MET A 267 3.63 22.01 -15.40
C MET A 267 4.35 21.46 -16.63
N HIS A 268 5.61 21.87 -16.84
CA HIS A 268 6.37 21.52 -18.02
C HIS A 268 7.55 20.59 -17.74
N GLY A 269 7.71 20.14 -16.49
CA GLY A 269 8.66 19.10 -16.15
C GLY A 269 9.98 19.60 -15.57
N SER A 270 10.21 20.90 -15.58
CA SER A 270 11.51 21.41 -15.14
C SER A 270 11.69 21.26 -13.64
N THR A 271 10.66 21.57 -12.84
CA THR A 271 10.77 21.37 -11.39
C THR A 271 10.93 19.91 -11.05
N GLN A 272 10.31 19.02 -11.85
CA GLN A 272 10.46 17.58 -11.66
C GLN A 272 11.89 17.14 -11.88
N LYS A 273 12.55 17.65 -12.93
CA LYS A 273 13.94 17.31 -13.16
C LYS A 273 14.81 17.79 -12.00
N MET A 274 14.55 18.98 -11.46
CA MET A 274 15.28 19.43 -10.28
C MET A 274 15.09 18.48 -9.10
N ALA A 275 13.83 18.09 -8.83
CA ALA A 275 13.54 17.19 -7.71
C ALA A 275 14.29 15.90 -7.85
N HIS A 276 14.27 15.31 -9.06
CA HIS A 276 15.03 14.07 -9.25
C HIS A 276 16.53 14.29 -9.08
N ALA A 277 17.04 15.46 -9.45
CA ALA A 277 18.46 15.73 -9.29
C ALA A 277 18.84 15.92 -7.82
N PHE A 278 18.00 16.59 -7.03
CA PHE A 278 18.22 16.65 -5.59
C PHE A 278 18.27 15.25 -5.00
N ALA A 279 17.38 14.36 -5.45
CA ALA A 279 17.36 13.00 -4.93
C ALA A 279 18.66 12.27 -5.22
N GLU A 280 19.19 12.42 -6.44
CA GLU A 280 20.46 11.75 -6.75
C GLU A 280 21.58 12.19 -5.81
N GLY A 281 21.69 13.48 -5.53
CA GLY A 281 22.70 13.94 -4.60
C GLY A 281 22.51 13.39 -3.20
N ILE A 282 21.27 13.37 -2.71
CA ILE A 282 20.95 12.81 -1.40
C ILE A 282 21.31 11.33 -1.36
N MET A 283 20.93 10.60 -2.39
CA MET A 283 21.23 9.16 -2.42
C MET A 283 22.72 8.90 -2.51
N SER A 284 23.51 9.81 -3.06
CA SER A 284 24.95 9.57 -3.14
C SER A 284 25.59 9.52 -1.77
N GLU A 285 24.89 9.94 -0.73
CA GLU A 285 25.35 9.88 0.64
C GLU A 285 24.70 8.75 1.42
N GLY A 286 23.96 7.88 0.76
CA GLY A 286 23.32 6.79 1.47
C GLY A 286 22.09 7.17 2.25
N VAL A 287 21.49 8.33 1.99
CA VAL A 287 20.33 8.82 2.70
C VAL A 287 19.10 8.48 1.90
N ASP A 288 18.04 8.05 2.58
CA ASP A 288 16.84 7.56 1.91
C ASP A 288 16.01 8.72 1.40
N VAL A 289 15.19 8.44 0.38
CA VAL A 289 14.38 9.43 -0.30
C VAL A 289 12.99 8.86 -0.58
N LYS A 290 11.97 9.69 -0.30
CA LYS A 290 10.60 9.46 -0.74
CA LYS A 290 10.61 9.45 -0.74
C LYS A 290 10.23 10.62 -1.65
N MET A 291 9.67 10.30 -2.81
CA MET A 291 9.39 11.29 -3.84
C MET A 291 7.90 11.38 -4.11
N TYR A 292 7.36 12.59 -3.98
CA TYR A 292 5.92 12.79 -4.14
C TYR A 292 5.66 13.90 -5.13
N PHE A 293 4.70 13.66 -6.02
CA PHE A 293 4.31 14.53 -7.11
C PHE A 293 2.87 14.95 -6.86
N LEU A 294 2.68 16.23 -6.55
CA LEU A 294 1.37 16.67 -6.06
C LEU A 294 0.25 16.50 -7.08
N HIS A 295 0.57 16.37 -8.36
CA HIS A 295 -0.47 16.08 -9.33
C HIS A 295 -1.14 14.74 -9.06
N ASN A 296 -0.36 13.75 -8.65
CA ASN A 296 -0.82 12.37 -8.50
C ASN A 296 -1.04 11.96 -7.04
N ASP A 297 -0.25 12.50 -6.12
CA ASP A 297 -0.19 12.06 -4.74
C ASP A 297 -0.91 13.07 -3.82
N GLU A 298 -1.12 12.65 -2.59
CA GLU A 298 -1.97 13.44 -1.70
C GLU A 298 -1.34 13.55 -0.32
N ARG A 299 -1.94 14.42 0.48
CA ARG A 299 -1.28 14.94 1.65
C ARG A 299 -1.05 13.88 2.73
N SER A 300 -1.91 12.87 2.83
CA SER A 300 -1.87 12.00 4.00
C SER A 300 -0.69 11.05 3.94
N GLU A 301 -0.32 10.58 2.75
CA GLU A 301 0.89 9.80 2.61
C GLU A 301 2.15 10.67 2.69
N ILE A 302 2.06 11.93 2.24
CA ILE A 302 3.23 12.81 2.34
C ILE A 302 3.60 13.02 3.81
N VAL A 303 2.62 13.34 4.65
CA VAL A 303 2.94 13.66 6.04
C VAL A 303 3.32 12.42 6.84
N LYS A 304 2.85 11.25 6.42
CA LYS A 304 3.31 10.00 7.01
C LYS A 304 4.83 9.88 6.91
N ASP A 305 5.37 10.13 5.72
CA ASP A 305 6.81 10.02 5.56
C ASP A 305 7.57 11.19 6.14
N ILE A 306 6.98 12.38 6.15
CA ILE A 306 7.64 13.50 6.84
C ILE A 306 7.87 13.19 8.31
N LEU A 307 6.96 12.42 8.93
CA LEU A 307 6.99 12.22 10.38
C LEU A 307 8.32 11.63 10.83
N ASP A 308 8.89 10.71 10.06
CA ASP A 308 10.18 10.13 10.40
C ASP A 308 11.28 10.50 9.41
N SER A 309 11.10 11.58 8.66
CA SER A 309 12.16 12.16 7.82
C SER A 309 12.84 13.28 8.57
N LYS A 310 14.16 13.36 8.41
CA LYS A 310 14.93 14.46 8.99
C LYS A 310 14.92 15.73 8.14
N ALA A 311 14.48 15.65 6.87
CA ALA A 311 14.44 16.82 6.00
C ALA A 311 13.27 16.72 5.03
N PHE A 312 12.82 17.88 4.58
CA PHE A 312 11.64 18.00 3.73
C PHE A 312 11.92 19.04 2.66
N LEU A 313 11.88 18.62 1.41
CA LEU A 313 12.12 19.49 0.26
C LEU A 313 10.78 19.78 -0.42
N LEU A 314 10.58 21.03 -0.83
CA LEU A 314 9.33 21.41 -1.49
C LEU A 314 9.62 22.29 -2.71
N GLY A 315 9.08 21.92 -3.86
CA GLY A 315 9.37 22.66 -5.08
C GLY A 315 8.15 22.84 -5.96
N ALA A 316 8.12 23.96 -6.68
CA ALA A 316 7.00 24.26 -7.56
C ALA A 316 7.40 25.37 -8.48
N PRO A 317 6.86 25.42 -9.70
CA PRO A 317 7.12 26.52 -10.61
C PRO A 317 6.39 27.79 -10.17
N THR A 318 6.85 28.92 -10.70
CA THR A 318 6.18 30.18 -10.47
C THR A 318 5.11 30.40 -11.53
N ILE A 319 3.91 30.82 -11.10
CA ILE A 319 2.78 31.07 -11.98
C ILE A 319 2.11 32.35 -11.48
N TYR A 320 2.14 33.39 -12.31
CA TYR A 320 1.63 34.71 -11.97
C TYR A 320 2.07 35.13 -10.57
N ASP A 321 3.38 35.10 -10.36
CA ASP A 321 4.11 35.57 -9.19
C ASP A 321 3.97 34.68 -7.97
N GLU A 322 3.22 33.59 -8.04
CA GLU A 322 2.98 32.72 -6.92
C GLU A 322 3.47 31.31 -7.23
N PRO A 323 3.77 30.49 -6.22
CA PRO A 323 4.04 29.07 -6.48
C PRO A 323 2.78 28.37 -6.95
N PHE A 324 2.98 27.29 -7.71
CA PHE A 324 1.84 26.55 -8.26
C PHE A 324 0.87 26.22 -7.13
N PRO A 325 -0.44 26.43 -7.32
CA PRO A 325 -1.37 26.44 -6.18
C PRO A 325 -1.47 25.14 -5.41
N SER A 326 -1.08 24.00 -5.98
CA SER A 326 -1.24 22.75 -5.25
C SER A 326 -0.47 22.76 -3.93
N VAL A 327 0.60 23.55 -3.83
CA VAL A 327 1.35 23.57 -2.58
C VAL A 327 0.55 24.20 -1.45
N GLY A 328 -0.44 25.04 -1.78
CA GLY A 328 -1.22 25.69 -0.75
C GLY A 328 -1.96 24.70 0.11
N ASP A 329 -2.45 23.61 -0.48
CA ASP A 329 -3.16 22.59 0.27
C ASP A 329 -2.24 21.93 1.30
N LEU A 330 -1.08 21.45 0.84
CA LEU A 330 -0.15 20.81 1.77
C LEU A 330 0.30 21.78 2.86
N ILE A 331 0.59 23.02 2.48
CA ILE A 331 1.05 24.00 3.45
C ILE A 331 0.00 24.26 4.51
N TYR A 332 -1.27 24.39 4.10
CA TYR A 332 -2.33 24.57 5.08
C TYR A 332 -2.46 23.36 5.99
N TYR A 333 -2.21 22.15 5.47
CA TYR A 333 -2.22 20.96 6.31
C TYR A 333 -1.06 20.95 7.30
N LEU A 334 0.13 21.31 6.84
CA LEU A 334 1.28 21.33 7.73
C LEU A 334 1.14 22.42 8.77
N LYS A 335 0.47 23.52 8.42
CA LYS A 335 0.17 24.54 9.41
CA LYS A 335 0.17 24.55 9.42
C LYS A 335 -0.66 23.98 10.56
N GLY A 336 -1.60 23.08 10.26
CA GLY A 336 -2.39 22.50 11.32
C GLY A 336 -1.67 21.40 12.09
N LEU A 337 -0.80 20.64 11.42
CA LEU A 337 -0.15 19.50 12.06
C LEU A 337 1.01 19.89 12.96
N LYS A 338 1.68 20.99 12.65
CA LYS A 338 2.72 21.56 13.50
C LYS A 338 3.75 20.50 13.90
N PHE A 339 4.53 20.10 12.89
CA PHE A 339 5.54 19.07 13.13
C PHE A 339 6.64 19.52 14.10
N ASN A 340 6.83 20.83 14.28
CA ASN A 340 7.83 21.30 15.24
C ASN A 340 7.46 20.91 16.67
N ARG A 341 6.20 20.60 16.92
CA ARG A 341 5.78 20.16 18.25
C ARG A 341 6.31 18.78 18.59
N THR A 342 6.89 18.06 17.64
CA THR A 342 7.56 16.80 17.94
C THR A 342 8.91 17.01 18.62
N GLY A 343 9.36 18.25 18.76
CA GLY A 343 10.65 18.51 19.35
C GLY A 343 11.78 18.64 18.35
N LEU A 344 11.50 18.55 17.06
CA LEU A 344 12.50 18.59 16.01
C LEU A 344 12.13 19.63 14.97
N LYS A 345 13.11 20.44 14.59
CA LYS A 345 13.00 21.39 13.48
C LYS A 345 13.61 20.71 12.26
N ARG A 346 12.78 20.05 11.45
CA ARG A 346 13.31 19.34 10.29
C ARG A 346 13.88 20.30 9.27
N LEU A 347 14.96 19.89 8.63
CA LEU A 347 15.62 20.72 7.62
C LEU A 347 14.76 20.79 6.37
N ALA A 348 14.98 21.82 5.56
CA ALA A 348 14.17 22.00 4.36
C ALA A 348 14.90 22.84 3.34
N LEU A 349 14.56 22.62 2.07
CA LEU A 349 14.99 23.42 0.94
C LEU A 349 13.76 23.74 0.11
N ALA A 350 13.73 24.94 -0.47
CA ALA A 350 12.70 25.34 -1.44
C ALA A 350 13.34 25.48 -2.81
N PHE A 351 12.62 25.08 -3.86
CA PHE A 351 13.17 25.13 -5.20
C PHE A 351 12.06 25.22 -6.25
N GLY A 352 12.46 25.51 -7.48
CA GLY A 352 11.52 25.57 -8.58
C GLY A 352 12.10 26.26 -9.79
N SER A 353 11.35 26.19 -10.87
CA SER A 353 11.68 26.83 -12.12
C SER A 353 10.78 28.05 -12.32
N MET A 354 11.26 28.96 -13.15
CA MET A 354 10.50 30.19 -13.42
C MET A 354 10.77 30.66 -14.84
N GLY A 355 9.98 31.60 -15.30
CA GLY A 355 10.07 32.07 -16.67
C GLY A 355 10.10 33.56 -16.84
N GLY A 356 10.03 34.30 -15.73
CA GLY A 356 9.96 35.74 -15.78
C GLY A 356 10.61 36.43 -14.60
N ASN A 357 9.80 36.99 -13.70
CA ASN A 357 10.33 37.62 -12.50
C ASN A 357 10.53 36.64 -11.34
N GLY A 358 9.97 35.44 -11.43
CA GLY A 358 10.14 34.48 -10.36
C GLY A 358 9.43 34.91 -9.08
N GLY A 359 9.94 34.38 -7.97
CA GLY A 359 9.41 34.68 -6.66
C GLY A 359 8.72 33.53 -5.97
N GLY A 360 8.42 32.47 -6.71
CA GLY A 360 7.74 31.35 -6.07
C GLY A 360 8.56 30.73 -4.96
N THR A 361 9.85 30.50 -5.21
CA THR A 361 10.71 29.87 -4.21
CA THR A 361 10.70 29.87 -4.20
C THR A 361 10.81 30.72 -2.96
N LYS A 362 10.77 32.05 -3.12
CA LYS A 362 10.72 32.95 -1.98
C LYS A 362 9.52 32.62 -1.11
N VAL A 363 8.36 32.47 -1.75
CA VAL A 363 7.13 32.20 -0.99
C VAL A 363 7.23 30.85 -0.29
N LEU A 364 7.69 29.84 -1.02
CA LEU A 364 7.81 28.52 -0.41
C LEU A 364 8.69 28.56 0.84
N ALA A 365 9.81 29.28 0.76
CA ALA A 365 10.73 29.35 1.90
C ALA A 365 10.06 29.98 3.12
N GLU A 366 9.30 31.06 2.90
CA GLU A 366 8.57 31.69 3.99
C GLU A 366 7.57 30.72 4.61
N LYS A 367 6.85 29.96 3.78
CA LYS A 367 5.82 29.08 4.32
C LYS A 367 6.43 27.88 5.04
N LEU A 368 7.52 27.33 4.49
CA LEU A 368 8.21 26.25 5.18
C LEU A 368 8.64 26.70 6.58
N LYS A 369 9.02 27.97 6.72
CA LYS A 369 9.40 28.47 8.04
C LYS A 369 8.18 28.61 8.94
N GLU A 370 7.10 29.16 8.44
CA GLU A 370 5.87 29.24 9.22
C GLU A 370 5.38 27.86 9.67
N CYS A 371 5.72 26.80 8.92
CA CYS A 371 5.29 25.45 9.28
C CYS A 371 6.26 24.75 10.20
N GLY A 372 7.32 25.40 10.62
CA GLY A 372 8.22 24.84 11.60
C GLY A 372 9.45 24.16 11.08
N PHE A 373 9.75 24.31 9.80
CA PHE A 373 10.98 23.72 9.24
C PHE A 373 12.12 24.73 9.24
N GLU A 374 13.34 24.22 9.24
CA GLU A 374 14.56 25.01 9.19
C GLU A 374 15.03 25.05 7.74
N VAL A 375 14.66 26.11 7.03
CA VAL A 375 15.01 26.24 5.63
C VAL A 375 16.48 26.60 5.50
N LEU A 376 17.25 25.76 4.82
CA LEU A 376 18.67 25.97 4.66
C LEU A 376 19.02 26.72 3.39
N ASP A 377 18.23 26.59 2.32
CA ASP A 377 18.60 27.25 1.08
C ASP A 377 17.39 27.32 0.15
N GLU A 378 17.53 28.12 -0.90
CA GLU A 378 16.57 28.24 -1.99
C GLU A 378 17.32 28.08 -3.30
N TYR A 379 16.62 27.56 -4.32
CA TYR A 379 17.22 27.51 -5.66
C TYR A 379 16.11 27.63 -6.70
N GLU A 380 16.15 28.75 -7.41
CA GLU A 380 15.17 29.05 -8.47
C GLU A 380 15.97 29.19 -9.75
N LEU A 381 15.52 28.59 -10.85
CA LEU A 381 16.22 28.69 -12.12
C LEU A 381 15.24 28.98 -13.25
N TYR A 382 15.83 29.28 -14.43
CA TYR A 382 15.10 29.76 -15.60
C TYR A 382 14.78 28.59 -16.53
N TYR A 383 13.50 28.33 -16.72
CA TYR A 383 12.96 27.33 -17.67
C TYR A 383 13.66 26.00 -17.45
N VAL A 384 14.24 25.38 -18.47
CA VAL A 384 14.66 23.98 -18.39
C VAL A 384 16.09 23.93 -17.79
N PRO A 385 16.31 23.10 -16.78
CA PRO A 385 17.67 23.01 -16.23
C PRO A 385 18.70 22.58 -17.26
N THR A 386 19.86 23.23 -17.22
CA THR A 386 21.01 22.76 -17.97
C THR A 386 21.68 21.60 -17.24
N GLU A 387 22.67 20.98 -17.89
CA GLU A 387 23.45 19.93 -17.26
C GLU A 387 24.07 20.44 -15.96
N ASP A 388 24.68 21.63 -16.03
CA ASP A 388 25.35 22.15 -14.84
CA ASP A 388 25.35 22.21 -14.86
C ASP A 388 24.37 22.56 -13.76
N GLU A 389 23.15 22.96 -14.12
CA GLU A 389 22.17 23.33 -13.10
C GLU A 389 21.63 22.11 -12.38
N LEU A 390 21.50 20.98 -13.07
CA LEU A 390 21.15 19.73 -12.41
C LEU A 390 22.28 19.25 -11.51
N GLU A 391 23.52 19.53 -11.86
CA GLU A 391 24.64 19.19 -10.98
C GLU A 391 24.61 20.03 -9.71
N LYS A 392 24.16 21.28 -9.80
CA LYS A 392 24.00 22.09 -8.60
C LYS A 392 22.91 21.53 -7.70
N CYS A 393 21.79 21.08 -8.26
CA CYS A 393 20.78 20.40 -7.46
C CYS A 393 21.38 19.17 -6.78
N TYR A 394 22.13 18.38 -7.55
CA TYR A 394 22.83 17.23 -6.98
C TYR A 394 23.73 17.65 -5.82
N ASN A 395 24.56 18.67 -6.04
CA ASN A 395 25.48 19.10 -4.99
C ASN A 395 24.73 19.59 -3.76
N MET A 396 23.65 20.35 -3.95
CA MET A 396 22.85 20.81 -2.80
C MET A 396 22.24 19.63 -2.06
N GLY A 397 21.71 18.65 -2.79
CA GLY A 397 21.19 17.47 -2.14
C GLY A 397 22.27 16.73 -1.37
N LYS A 398 23.45 16.61 -1.95
CA LYS A 398 24.54 15.92 -1.27
C LYS A 398 24.91 16.63 0.03
N ARG A 399 25.04 17.95 -0.01
CA ARG A 399 25.39 18.68 1.21
C ARG A 399 24.28 18.55 2.25
N LEU A 400 23.02 18.60 1.80
CA LEU A 400 21.91 18.41 2.74
C LEU A 400 21.99 17.05 3.41
N ALA A 401 22.22 16.00 2.61
CA ALA A 401 22.30 14.66 3.16
C ALA A 401 23.44 14.54 4.18
N VAL A 402 24.52 15.28 3.99
CA VAL A 402 25.59 15.27 4.99
C VAL A 402 25.09 15.84 6.31
N LYS A 403 24.39 16.98 6.25
CA LYS A 403 23.85 17.57 7.47
C LYS A 403 22.83 16.64 8.12
N VAL A 404 21.99 16.00 7.31
CA VAL A 404 20.98 15.08 7.83
C VAL A 404 21.65 14.01 8.69
N LYS A 405 22.73 13.42 8.18
CA LYS A 405 23.41 12.36 8.92
C LYS A 405 24.12 12.88 10.16
N GLU A 406 24.46 14.17 10.20
CA GLU A 406 25.06 14.75 11.40
C GLU A 406 24.02 15.13 12.44
N MET A 407 22.75 15.25 12.05
CA MET A 407 21.70 15.51 13.02
C MET A 407 21.54 14.29 13.92
N LYS A 408 21.59 14.52 15.23
CA LYS A 408 21.62 13.42 16.18
C LYS A 408 20.25 12.77 16.28
N THR A 409 20.23 11.44 16.19
CA THR A 409 18.98 10.69 16.09
C THR A 409 18.24 10.77 17.42
N GLU A 410 17.27 11.67 17.50
CA GLU A 410 16.49 11.86 18.71
C GLU A 410 15.51 10.69 18.91
N MET B 1 22.14 14.60 -16.66
CA MET B 1 22.05 14.76 -15.16
C MET B 1 23.06 13.84 -14.46
N LYS B 2 23.55 14.30 -13.33
CA LYS B 2 24.45 13.47 -12.52
C LYS B 2 23.66 12.48 -11.69
N ALA B 3 24.04 11.20 -11.79
CA ALA B 3 23.35 10.13 -11.08
C ALA B 3 24.34 8.98 -10.91
N ASP B 4 24.46 8.47 -9.69
CA ASP B 4 25.48 7.49 -9.36
C ASP B 4 25.00 6.07 -9.68
N ALA B 5 25.92 5.25 -10.19
CA ALA B 5 25.68 3.84 -10.39
C ALA B 5 25.75 3.11 -9.05
N VAL B 6 25.22 1.89 -9.04
CA VAL B 6 25.26 1.03 -7.85
C VAL B 6 25.96 -0.27 -8.23
N LYS B 7 27.06 -0.56 -7.55
CA LYS B 7 27.81 -1.79 -7.78
C LYS B 7 27.07 -2.97 -7.16
N ILE B 8 26.90 -4.04 -7.94
CA ILE B 8 26.28 -5.27 -7.45
C ILE B 8 27.24 -6.45 -7.45
N ALA B 9 28.41 -6.32 -8.05
CA ALA B 9 29.50 -7.29 -7.99
C ALA B 9 30.72 -6.61 -8.57
N ASP B 10 31.86 -7.26 -8.44
CA ASP B 10 33.06 -6.67 -9.02
C ASP B 10 32.88 -6.50 -10.51
N GLY B 11 33.02 -5.25 -10.99
CA GLY B 11 32.83 -4.95 -12.40
C GLY B 11 31.41 -5.05 -12.93
N VAL B 12 30.41 -5.02 -12.06
CA VAL B 12 29.01 -5.08 -12.48
C VAL B 12 28.21 -4.03 -11.73
N TYR B 13 27.50 -3.20 -12.46
CA TYR B 13 26.77 -2.08 -11.90
C TYR B 13 25.32 -2.05 -12.36
N TRP B 14 24.44 -1.62 -11.46
CA TRP B 14 23.10 -1.23 -11.82
C TRP B 14 23.15 0.19 -12.34
N VAL B 15 22.64 0.40 -13.56
CA VAL B 15 22.67 1.72 -14.19
C VAL B 15 21.24 2.03 -14.64
N GLY B 16 20.27 1.61 -13.86
CA GLY B 16 18.89 1.73 -14.25
C GLY B 16 18.31 3.08 -13.95
N VAL B 17 16.99 3.15 -14.07
CA VAL B 17 16.22 4.39 -13.95
C VAL B 17 15.14 4.23 -12.88
N LEU B 18 15.05 5.21 -12.00
CA LEU B 18 14.02 5.25 -10.98
C LEU B 18 12.87 6.09 -11.52
N ASP B 19 11.77 5.44 -11.88
CA ASP B 19 10.56 6.15 -12.31
C ASP B 19 9.73 6.40 -11.05
N TRP B 20 10.08 7.51 -10.38
CA TRP B 20 9.45 7.85 -9.11
C TRP B 20 7.95 8.04 -9.24
N ASP B 21 7.52 8.64 -10.34
CA ASP B 21 6.24 9.30 -10.47
C ASP B 21 5.18 8.49 -11.22
N ILE B 22 5.52 7.41 -11.90
CA ILE B 22 4.52 6.66 -12.66
C ILE B 22 3.54 6.00 -11.70
N ARG B 23 2.27 6.07 -12.05
CA ARG B 23 1.21 5.48 -11.24
C ARG B 23 0.37 4.45 -11.96
N MET B 24 0.54 4.27 -13.26
CA MET B 24 -0.21 3.24 -13.99
C MET B 24 0.63 2.76 -15.17
N TYR B 25 0.49 1.49 -15.51
CA TYR B 25 1.18 0.88 -16.63
C TYR B 25 0.45 -0.40 -16.98
N HIS B 26 0.44 -0.76 -18.27
CA HIS B 26 -0.32 -1.93 -18.74
C HIS B 26 -1.74 -1.72 -18.22
N GLY B 27 -2.33 -2.67 -17.52
CA GLY B 27 -3.61 -2.43 -16.87
C GLY B 27 -3.51 -2.47 -15.37
N TYR B 28 -2.40 -1.94 -14.82
CA TYR B 28 -1.82 -2.17 -13.49
CA TYR B 28 -2.17 -2.10 -13.41
C TYR B 28 -1.61 -0.83 -12.80
N THR B 29 -1.93 -0.69 -11.53
CA THR B 29 -1.58 0.48 -10.74
C THR B 29 -0.26 0.23 -10.02
N LEU B 30 0.41 1.32 -9.63
CA LEU B 30 1.66 1.22 -8.89
C LEU B 30 2.04 2.59 -8.34
N ASN B 31 3.02 2.59 -7.46
CA ASN B 31 3.55 3.80 -6.84
C ASN B 31 5.02 3.93 -7.22
N GLY B 32 5.25 4.07 -8.52
CA GLY B 32 6.57 4.14 -9.07
C GLY B 32 7.11 2.76 -9.38
N THR B 33 8.11 2.74 -10.26
CA THR B 33 8.85 1.51 -10.50
C THR B 33 10.25 1.89 -10.95
N THR B 34 11.02 0.88 -11.34
CA THR B 34 12.34 1.08 -11.90
C THR B 34 12.42 0.35 -13.24
N TYR B 35 13.32 0.83 -14.09
CA TYR B 35 13.70 0.17 -15.34
C TYR B 35 15.15 -0.19 -15.12
N ASN B 36 15.40 -1.43 -14.73
CA ASN B 36 16.73 -1.87 -14.35
C ASN B 36 17.56 -2.20 -15.59
N ALA B 37 18.72 -1.56 -15.70
CA ALA B 37 19.70 -1.83 -16.75
C ALA B 37 21.03 -2.05 -16.05
N TYR B 38 21.87 -2.87 -16.66
CA TYR B 38 23.11 -3.30 -16.02
C TYR B 38 24.31 -3.16 -16.94
N LEU B 39 25.44 -2.78 -16.33
CA LEU B 39 26.70 -2.56 -17.01
C LEU B 39 27.75 -3.54 -16.49
N VAL B 40 28.32 -4.33 -17.39
CA VAL B 40 29.27 -5.39 -17.05
C VAL B 40 30.62 -5.07 -17.69
N PHE B 41 31.63 -4.86 -16.84
CA PHE B 41 32.96 -4.48 -17.30
C PHE B 41 33.85 -5.72 -17.38
N GLY B 42 33.97 -6.28 -18.57
CA GLY B 42 34.98 -7.26 -18.84
C GLY B 42 36.34 -6.61 -19.10
N ASP B 43 37.38 -7.44 -19.10
CA ASP B 43 38.72 -6.92 -19.39
C ASP B 43 38.79 -6.24 -20.75
N ASP B 44 38.09 -6.78 -21.74
CA ASP B 44 38.14 -6.31 -23.12
C ASP B 44 36.90 -5.55 -23.55
N LYS B 45 35.71 -5.97 -23.13
CA LYS B 45 34.46 -5.40 -23.61
C LYS B 45 33.57 -5.01 -22.44
N VAL B 46 32.89 -3.87 -22.58
CA VAL B 46 31.89 -3.41 -21.63
C VAL B 46 30.52 -3.65 -22.26
N ALA B 47 29.64 -4.34 -21.52
CA ALA B 47 28.33 -4.73 -22.02
C ALA B 47 27.23 -4.05 -21.22
N LEU B 48 26.27 -3.46 -21.93
CA LEU B 48 25.07 -2.89 -21.34
C LEU B 48 23.92 -3.85 -21.57
N ILE B 49 23.25 -4.23 -20.49
CA ILE B 49 22.15 -5.18 -20.55
C ILE B 49 20.85 -4.42 -20.30
N ASP B 50 20.00 -4.36 -21.33
CA ASP B 50 18.75 -3.61 -21.34
C ASP B 50 18.99 -2.13 -21.07
N ASN B 51 17.95 -1.32 -21.17
CA ASN B 51 18.02 0.12 -20.94
C ASN B 51 16.71 0.61 -20.32
N THR B 52 16.00 1.53 -20.97
CA THR B 52 14.90 2.18 -20.27
C THR B 52 13.86 2.75 -21.23
N TYR B 53 12.78 3.27 -20.63
CA TYR B 53 11.63 3.78 -21.37
C TYR B 53 12.00 5.05 -22.14
N PRO B 54 11.39 5.26 -23.30
CA PRO B 54 11.72 6.47 -24.08
C PRO B 54 11.53 7.74 -23.25
N GLY B 55 12.52 8.61 -23.31
CA GLY B 55 12.50 9.88 -22.64
C GLY B 55 12.99 9.87 -21.22
N THR B 56 13.39 8.71 -20.69
CA THR B 56 13.86 8.60 -19.31
C THR B 56 15.34 8.24 -19.21
N SER B 57 16.11 8.44 -20.28
CA SER B 57 17.49 7.98 -20.31
C SER B 57 18.46 8.86 -19.51
N ALA B 58 18.04 10.04 -19.08
CA ALA B 58 18.98 10.94 -18.41
C ALA B 58 19.64 10.27 -17.22
N GLN B 59 18.87 9.58 -16.38
CA GLN B 59 19.45 8.89 -15.25
C GLN B 59 20.40 7.80 -15.72
N MET B 60 19.98 7.02 -16.73
CA MET B 60 20.80 5.91 -17.19
C MET B 60 22.18 6.38 -17.64
N TRP B 61 22.23 7.43 -18.47
CA TRP B 61 23.50 7.89 -18.99
C TRP B 61 24.39 8.42 -17.87
N GLY B 62 23.79 9.07 -16.87
CA GLY B 62 24.56 9.55 -15.75
C GLY B 62 25.20 8.43 -14.96
N ARG B 63 24.45 7.35 -14.74
CA ARG B 63 24.99 6.21 -14.02
C ARG B 63 26.02 5.45 -14.85
N ILE B 64 25.80 5.34 -16.15
CA ILE B 64 26.81 4.72 -17.01
C ILE B 64 28.11 5.52 -16.94
N LYS B 65 28.02 6.84 -17.09
CA LYS B 65 29.21 7.69 -16.97
C LYS B 65 29.88 7.49 -15.62
N ASP B 66 29.09 7.45 -14.54
CA ASP B 66 29.64 7.27 -13.20
C ASP B 66 30.35 5.93 -13.07
N ALA B 67 29.76 4.88 -13.61
CA ALA B 67 30.37 3.55 -13.52
C ALA B 67 31.68 3.50 -14.28
N CYS B 68 31.75 4.11 -15.47
CA CYS B 68 32.99 4.09 -16.22
C CYS B 68 34.09 4.86 -15.50
N GLU B 69 33.75 5.99 -14.88
CA GLU B 69 34.75 6.71 -14.10
C GLU B 69 35.26 5.85 -12.95
N LYS B 70 34.35 5.22 -12.20
CA LYS B 70 34.77 4.41 -11.05
C LYS B 70 35.69 3.28 -11.51
N GLU B 71 35.48 2.77 -12.71
CA GLU B 71 36.32 1.72 -13.26
C GLU B 71 37.58 2.26 -13.94
N GLY B 72 37.76 3.57 -13.96
CA GLY B 72 38.90 4.12 -14.67
C GLY B 72 38.89 3.85 -16.15
N ARG B 73 37.70 3.69 -16.73
CA ARG B 73 37.54 3.36 -18.13
C ARG B 73 36.91 4.52 -18.88
N GLU B 74 37.10 4.52 -20.20
CA GLU B 74 36.45 5.50 -21.05
C GLU B 74 34.94 5.30 -21.03
N PHE B 75 34.20 6.40 -21.23
CA PHE B 75 32.75 6.34 -21.41
C PHE B 75 32.45 5.68 -22.75
N LYS B 76 32.36 4.35 -22.75
CA LYS B 76 32.24 3.60 -24.00
C LYS B 76 31.51 2.29 -23.73
N ILE B 77 30.58 1.93 -24.61
CA ILE B 77 29.89 0.66 -24.57
C ILE B 77 30.32 -0.16 -25.79
N ASP B 78 30.82 -1.37 -25.54
CA ASP B 78 31.26 -2.25 -26.61
C ASP B 78 30.21 -3.25 -27.06
N VAL B 79 29.30 -3.65 -26.16
CA VAL B 79 28.34 -4.70 -26.41
C VAL B 79 27.00 -4.26 -25.85
N ILE B 80 25.94 -4.52 -26.60
CA ILE B 80 24.58 -4.22 -26.18
C ILE B 80 23.76 -5.50 -26.19
N VAL B 81 23.09 -5.77 -25.07
CA VAL B 81 22.19 -6.91 -24.92
C VAL B 81 20.78 -6.35 -24.75
N GLN B 82 19.83 -6.88 -25.50
CA GLN B 82 18.43 -6.47 -25.45
C GLN B 82 17.62 -7.74 -25.20
N ASN B 83 17.25 -7.95 -23.93
CA ASN B 83 16.56 -9.16 -23.52
C ASN B 83 15.13 -9.21 -24.02
N HIS B 84 14.54 -8.08 -24.40
CA HIS B 84 13.11 -7.93 -24.50
C HIS B 84 12.81 -6.66 -25.27
N VAL B 85 11.86 -6.73 -26.20
CA VAL B 85 11.67 -5.59 -27.08
CA VAL B 85 11.59 -5.62 -27.12
C VAL B 85 10.76 -4.51 -26.48
N GLU B 86 9.96 -4.83 -25.47
CA GLU B 86 9.01 -3.86 -24.95
C GLU B 86 9.75 -2.58 -24.52
N LYS B 87 9.11 -1.44 -24.75
CA LYS B 87 9.80 -0.17 -24.78
C LYS B 87 10.19 0.34 -23.39
N ASP B 88 9.64 -0.20 -22.30
CA ASP B 88 10.19 0.19 -21.02
C ASP B 88 11.58 -0.41 -20.79
N HIS B 89 12.05 -1.28 -21.67
CA HIS B 89 13.41 -1.83 -21.59
C HIS B 89 14.24 -1.62 -22.84
N SER B 90 13.67 -1.12 -23.94
CA SER B 90 14.37 -0.88 -25.17
C SER B 90 14.27 0.56 -25.65
N GLY B 91 13.53 1.40 -24.94
CA GLY B 91 13.23 2.72 -25.46
C GLY B 91 14.43 3.59 -25.77
N ALA B 92 15.57 3.31 -25.12
CA ALA B 92 16.78 4.08 -25.33
C ALA B 92 17.73 3.41 -26.31
N LEU B 93 17.35 2.27 -26.88
CA LEU B 93 18.22 1.58 -27.82
C LEU B 93 18.59 2.46 -29.00
N PRO B 94 17.69 3.25 -29.58
CA PRO B 94 18.11 4.17 -30.65
C PRO B 94 19.19 5.16 -30.21
N GLU B 95 19.05 5.70 -29.00
CA GLU B 95 20.10 6.57 -28.47
C GLU B 95 21.42 5.82 -28.32
N ILE B 96 21.38 4.62 -27.75
CA ILE B 96 22.62 3.87 -27.50
C ILE B 96 23.31 3.53 -28.81
N HIS B 97 22.53 3.13 -29.82
CA HIS B 97 23.10 2.80 -31.12
C HIS B 97 23.70 4.03 -31.77
N LYS B 98 23.04 5.18 -31.65
CA LYS B 98 23.57 6.39 -32.27
C LYS B 98 24.89 6.80 -31.63
N LYS B 99 25.07 6.56 -30.33
CA LYS B 99 26.33 6.94 -29.70
C LYS B 99 27.43 5.89 -29.90
N PHE B 100 27.06 4.62 -30.03
CA PHE B 100 28.00 3.52 -30.24
C PHE B 100 27.49 2.69 -31.39
N PRO B 101 27.66 3.17 -32.63
CA PRO B 101 27.05 2.49 -33.78
C PRO B 101 27.73 1.21 -34.16
N GLU B 102 28.92 0.92 -33.64
CA GLU B 102 29.61 -0.32 -33.94
C GLU B 102 29.39 -1.40 -32.89
N ALA B 103 28.75 -1.07 -31.79
CA ALA B 103 28.48 -2.06 -30.74
C ALA B 103 27.40 -3.02 -31.19
N PRO B 104 27.69 -4.32 -31.32
CA PRO B 104 26.64 -5.26 -31.71
C PRO B 104 25.50 -5.29 -30.70
N ILE B 105 24.33 -5.64 -31.20
CA ILE B 105 23.13 -5.73 -30.40
C ILE B 105 22.70 -7.19 -30.37
N TYR B 106 22.85 -7.84 -29.22
CA TYR B 106 22.49 -9.25 -29.06
C TYR B 106 21.03 -9.34 -28.60
N CYS B 107 20.25 -10.14 -29.33
CA CYS B 107 18.84 -10.33 -29.04
C CYS B 107 18.38 -11.60 -29.75
N THR B 108 17.14 -11.99 -29.52
CA THR B 108 16.60 -13.18 -30.17
C THR B 108 16.22 -12.86 -31.62
N GLU B 109 15.94 -13.92 -32.37
CA GLU B 109 15.65 -13.76 -33.79
C GLU B 109 14.41 -12.88 -34.01
N VAL B 110 13.31 -13.20 -33.32
CA VAL B 110 12.11 -12.40 -33.53
C VAL B 110 12.21 -11.03 -32.90
N ALA B 111 13.17 -10.81 -32.00
CA ALA B 111 13.36 -9.48 -31.44
C ALA B 111 13.81 -8.47 -32.48
N VAL B 112 14.61 -8.89 -33.47
CA VAL B 112 15.12 -7.95 -34.47
C VAL B 112 13.96 -7.22 -35.14
N GLU B 113 12.99 -7.98 -35.66
CA GLU B 113 11.87 -7.35 -36.37
C GLU B 113 11.06 -6.48 -35.43
N GLY B 114 10.87 -6.90 -34.19
CA GLY B 114 10.13 -6.09 -33.25
C GLY B 114 10.82 -4.77 -32.95
N LEU B 115 12.14 -4.80 -32.80
CA LEU B 115 12.86 -3.59 -32.45
C LEU B 115 12.85 -2.60 -33.60
N VAL B 116 12.98 -3.11 -34.82
CA VAL B 116 12.96 -2.23 -36.00
C VAL B 116 11.57 -1.62 -36.20
N LYS B 117 10.52 -2.39 -35.92
CA LYS B 117 9.17 -1.86 -36.04
C LYS B 117 8.92 -0.76 -35.00
N HIS B 118 9.47 -0.93 -33.80
CA HIS B 118 9.38 0.10 -32.78
C HIS B 118 10.23 1.33 -33.15
N PHE B 119 11.46 1.10 -33.63
CA PHE B 119 12.44 2.18 -33.80
C PHE B 119 13.05 2.03 -35.18
N PRO B 120 12.46 2.67 -36.20
CA PRO B 120 12.95 2.45 -37.58
C PRO B 120 14.39 2.89 -37.79
N SER B 121 14.93 3.77 -36.94
CA SER B 121 16.33 4.16 -37.10
C SER B 121 17.30 3.02 -36.84
N LEU B 122 16.83 1.92 -36.26
CA LEU B 122 17.68 0.77 -36.02
C LEU B 122 17.81 -0.13 -37.25
N LYS B 123 17.10 0.16 -38.34
CA LYS B 123 17.28 -0.61 -39.56
C LYS B 123 18.72 -0.48 -40.06
N GLY B 124 19.41 -1.59 -40.15
CA GLY B 124 20.82 -1.56 -40.47
C GLY B 124 21.75 -1.54 -39.29
N ALA B 125 21.22 -1.67 -38.08
CA ALA B 125 22.06 -1.75 -36.90
C ALA B 125 22.72 -3.14 -36.82
N PRO B 126 23.89 -3.24 -36.20
CA PRO B 126 24.58 -4.53 -36.15
C PRO B 126 23.91 -5.49 -35.17
N PHE B 127 22.72 -5.98 -35.52
CA PHE B 127 22.08 -7.02 -34.74
C PHE B 127 22.84 -8.33 -34.87
N LYS B 128 22.93 -9.05 -33.76
CA LYS B 128 23.57 -10.38 -33.72
C LYS B 128 22.59 -11.34 -33.04
N VAL B 129 21.94 -12.19 -33.84
CA VAL B 129 20.92 -13.06 -33.29
C VAL B 129 21.56 -14.15 -32.45
N VAL B 130 21.00 -14.40 -31.28
CA VAL B 130 21.52 -15.43 -30.39
C VAL B 130 20.44 -16.49 -30.14
N LYS B 131 20.91 -17.68 -29.74
CA LYS B 131 20.03 -18.77 -29.34
C LYS B 131 20.48 -19.31 -27.99
N SER B 132 19.62 -20.13 -27.38
CA SER B 132 19.89 -20.64 -26.05
C SER B 132 21.25 -21.31 -25.98
N LEU B 133 21.94 -21.13 -24.85
CA LEU B 133 23.23 -21.71 -24.49
C LEU B 133 24.40 -21.12 -25.26
N GLU B 134 24.18 -20.11 -26.11
CA GLU B 134 25.28 -19.40 -26.73
C GLU B 134 25.86 -18.37 -25.76
N SER B 135 27.16 -18.13 -25.89
CA SER B 135 27.90 -17.28 -24.97
C SER B 135 28.82 -16.31 -25.69
N ILE B 136 28.99 -15.08 -25.11
CA ILE B 136 30.07 -14.23 -25.54
C ILE B 136 31.02 -13.99 -24.39
N ASP B 137 32.29 -13.88 -24.73
CA ASP B 137 33.35 -13.62 -23.74
C ASP B 137 33.66 -12.13 -23.72
N LEU B 138 33.62 -11.52 -22.54
CA LEU B 138 33.94 -10.11 -22.39
C LEU B 138 35.37 -9.87 -21.92
N GLY B 139 36.11 -10.93 -21.60
CA GLY B 139 37.43 -10.78 -21.02
C GLY B 139 37.38 -11.04 -19.53
N GLY B 140 37.40 -12.32 -19.14
CA GLY B 140 37.24 -12.70 -17.75
C GLY B 140 35.81 -12.83 -17.28
N LYS B 141 34.84 -12.38 -18.07
CA LYS B 141 33.43 -12.46 -17.74
C LYS B 141 32.70 -13.04 -18.94
N THR B 142 31.76 -13.95 -18.68
CA THR B 142 31.01 -14.62 -19.72
C THR B 142 29.52 -14.32 -19.57
N LEU B 143 28.87 -14.01 -20.68
CA LEU B 143 27.42 -13.85 -20.74
C LEU B 143 26.84 -15.01 -21.55
N THR B 144 25.92 -15.75 -20.96
CA THR B 144 25.27 -16.88 -21.62
C THR B 144 23.79 -16.59 -21.77
N PHE B 145 23.27 -16.81 -22.97
CA PHE B 145 21.89 -16.46 -23.29
C PHE B 145 20.99 -17.67 -23.19
N LEU B 146 19.78 -17.45 -22.67
CA LEU B 146 18.75 -18.47 -22.56
C LEU B 146 17.44 -17.89 -23.07
N GLU B 147 16.91 -18.46 -24.16
CA GLU B 147 15.67 -17.98 -24.74
C GLU B 147 14.49 -18.28 -23.81
N ALA B 148 13.53 -17.37 -23.77
CA ALA B 148 12.36 -17.49 -22.89
C ALA B 148 11.13 -16.96 -23.60
N PRO B 149 10.77 -17.53 -24.74
CA PRO B 149 9.60 -17.04 -25.48
C PRO B 149 8.34 -17.05 -24.62
N LEU B 150 7.55 -16.00 -24.77
CA LEU B 150 6.30 -15.80 -24.03
C LEU B 150 6.53 -15.78 -22.52
N LEU B 151 7.69 -15.27 -22.09
CA LEU B 151 7.98 -15.00 -20.69
C LEU B 151 8.58 -13.60 -20.62
N HIS B 152 7.80 -12.56 -20.96
CA HIS B 152 6.39 -12.70 -21.24
C HIS B 152 5.98 -12.35 -22.68
N TRP B 153 6.96 -12.08 -23.54
CA TRP B 153 6.73 -11.85 -24.95
C TRP B 153 7.50 -12.89 -25.78
N PRO B 154 7.14 -13.06 -27.05
CA PRO B 154 7.86 -14.04 -27.89
C PRO B 154 9.35 -13.76 -28.02
N ASP B 155 9.78 -12.52 -27.82
CA ASP B 155 11.15 -12.09 -27.98
C ASP B 155 11.99 -12.22 -26.73
N SER B 156 11.39 -12.59 -25.61
CA SER B 156 12.09 -12.50 -24.32
C SER B 156 13.22 -13.53 -24.22
N MET B 157 14.25 -13.15 -23.48
CA MET B 157 15.33 -14.06 -23.17
C MET B 157 15.99 -13.64 -21.86
N PHE B 158 16.74 -14.55 -21.27
CA PHE B 158 17.57 -14.27 -20.11
C PHE B 158 19.04 -14.19 -20.51
N THR B 159 19.82 -13.47 -19.71
CA THR B 159 21.27 -13.39 -19.88
C THR B 159 21.93 -13.72 -18.55
N LEU B 160 22.82 -14.71 -18.54
CA LEU B 160 23.48 -15.15 -17.32
C LEU B 160 24.94 -14.71 -17.32
N TYR B 161 25.35 -14.01 -16.28
CA TYR B 161 26.77 -13.72 -16.05
C TYR B 161 27.33 -14.92 -15.28
N ALA B 162 28.08 -15.77 -15.97
CA ALA B 162 28.35 -17.11 -15.44
C ALA B 162 29.21 -17.07 -14.18
N GLU B 163 30.22 -16.20 -14.14
CA GLU B 163 31.23 -16.31 -13.09
C GLU B 163 30.68 -15.95 -11.71
N GLU B 164 29.69 -15.07 -11.62
CA GLU B 164 29.05 -14.78 -10.33
C GLU B 164 27.61 -15.28 -10.27
N GLY B 165 27.12 -15.96 -11.30
CA GLY B 165 25.78 -16.50 -11.28
C GLY B 165 24.67 -15.50 -11.23
N ILE B 166 24.84 -14.34 -11.84
CA ILE B 166 23.82 -13.31 -11.86
C ILE B 166 22.95 -13.52 -13.08
N LEU B 167 21.67 -13.81 -12.88
CA LEU B 167 20.72 -13.99 -13.96
C LEU B 167 19.98 -12.68 -14.21
N PHE B 168 20.18 -12.13 -15.39
CA PHE B 168 19.44 -10.96 -15.85
C PHE B 168 18.17 -11.48 -16.53
N SER B 169 17.06 -11.48 -15.80
CA SER B 169 15.86 -12.21 -16.18
C SER B 169 14.81 -11.35 -16.85
N ASN B 170 15.13 -10.10 -17.13
CA ASN B 170 14.21 -9.09 -17.67
C ASN B 170 12.95 -9.09 -16.82
N ASP B 171 11.75 -9.16 -17.41
CA ASP B 171 10.53 -8.98 -16.64
C ASP B 171 10.31 -10.11 -15.62
N ALA B 172 10.66 -11.33 -15.98
CA ALA B 172 10.49 -12.45 -15.06
C ALA B 172 11.13 -12.14 -13.72
N PHE B 173 10.38 -12.37 -12.66
CA PHE B 173 10.79 -12.17 -11.26
C PHE B 173 10.88 -10.69 -10.89
N GLY B 174 10.44 -9.80 -11.76
CA GLY B 174 10.40 -8.40 -11.42
C GLY B 174 9.23 -8.05 -10.52
N GLN B 175 9.33 -6.87 -9.89
CA GLN B 175 8.23 -6.30 -9.12
C GLN B 175 8.24 -4.79 -9.30
N HIS B 176 7.05 -4.19 -9.28
CA HIS B 176 6.92 -2.76 -9.50
C HIS B 176 7.05 -2.05 -8.16
N LEU B 177 8.30 -1.71 -7.84
CA LEU B 177 8.66 -1.03 -6.63
C LEU B 177 9.73 -0.01 -7.00
N CYS B 178 9.67 1.18 -6.40
CA CYS B 178 10.66 2.23 -6.63
C CYS B 178 11.22 2.68 -5.29
N PHE B 179 12.33 2.08 -4.86
CA PHE B 179 13.01 2.44 -3.63
C PHE B 179 14.44 2.85 -3.94
N THR B 180 15.05 3.58 -2.99
CA THR B 180 16.49 3.82 -3.08
C THR B 180 17.26 2.54 -2.83
N GLN B 181 16.70 1.63 -2.04
CA GLN B 181 17.31 0.31 -1.83
C GLN B 181 17.17 -0.56 -3.07
N ARG B 182 18.24 -1.25 -3.42
CA ARG B 182 18.29 -2.01 -4.67
C ARG B 182 18.05 -3.50 -4.49
N PHE B 183 18.21 -4.04 -3.30
CA PHE B 183 18.20 -5.49 -3.10
C PHE B 183 16.99 -5.93 -2.31
N ASP B 184 16.65 -7.21 -2.49
CA ASP B 184 15.45 -7.77 -1.88
C ASP B 184 15.49 -7.66 -0.35
N HIS B 185 16.64 -7.96 0.24
CA HIS B 185 16.72 -8.01 1.69
C HIS B 185 16.73 -6.64 2.35
N GLU B 186 16.75 -5.55 1.58
CA GLU B 186 16.87 -4.23 2.16
C GLU B 186 15.53 -3.56 2.40
N ILE B 187 14.43 -4.19 2.00
CA ILE B 187 13.08 -3.67 2.21
C ILE B 187 12.29 -4.70 2.96
N PRO B 188 11.14 -4.32 3.54
CA PRO B 188 10.31 -5.29 4.27
C PRO B 188 9.83 -6.41 3.37
N GLU B 189 9.87 -7.63 3.91
CA GLU B 189 9.53 -8.80 3.12
C GLU B 189 8.10 -8.72 2.59
N ASN B 190 7.17 -8.25 3.44
CA ASN B 190 5.77 -8.17 3.06
C ASN B 190 5.59 -7.31 1.83
N ILE B 191 6.28 -6.19 1.76
CA ILE B 191 6.19 -5.33 0.58
C ILE B 191 6.77 -6.04 -0.64
N LEU B 192 7.95 -6.64 -0.48
CA LEU B 192 8.59 -7.36 -1.59
C LEU B 192 7.68 -8.46 -2.15
N MET B 193 7.17 -9.33 -1.28
CA MET B 193 6.42 -10.47 -1.79
C MET B 193 5.02 -10.09 -2.24
N ASP B 194 4.41 -9.08 -1.63
CA ASP B 194 3.10 -8.62 -2.11
C ASP B 194 3.24 -8.06 -3.51
N ALA B 195 4.33 -7.35 -3.76
CA ALA B 195 4.58 -6.81 -5.10
C ALA B 195 4.92 -7.91 -6.08
N ASN B 196 5.70 -8.90 -5.63
CA ASN B 196 5.93 -10.06 -6.48
C ASN B 196 4.61 -10.76 -6.82
N GLN B 197 3.71 -10.90 -5.85
CA GLN B 197 2.42 -11.54 -6.10
C GLN B 197 1.60 -10.74 -7.10
N LYS B 198 1.59 -9.40 -6.95
CA LYS B 198 0.85 -8.58 -7.89
C LYS B 198 1.42 -8.69 -9.29
N PHE B 199 2.75 -8.71 -9.41
CA PHE B 199 3.39 -8.82 -10.70
C PHE B 199 3.04 -10.13 -11.36
N TYR B 200 3.14 -11.24 -10.62
CA TYR B 200 2.78 -12.53 -11.19
C TYR B 200 1.32 -12.53 -11.60
N ALA B 201 0.43 -12.12 -10.68
CA ALA B 201 -1.00 -12.22 -10.94
C ALA B 201 -1.37 -11.50 -12.22
N ASN B 202 -0.78 -10.33 -12.46
CA ASN B 202 -1.18 -9.48 -13.58
C ASN B 202 -0.44 -9.78 -14.87
N LEU B 203 0.75 -10.39 -14.82
CA LEU B 203 1.55 -10.59 -16.02
C LEU B 203 1.92 -12.04 -16.29
N ILE B 204 1.98 -12.88 -15.27
CA ILE B 204 2.50 -14.24 -15.44
C ILE B 204 1.40 -15.31 -15.37
N THR B 205 0.25 -15.02 -14.77
CA THR B 205 -0.75 -16.07 -14.59
C THR B 205 -1.02 -16.89 -15.85
N PRO B 206 -1.35 -16.29 -16.99
CA PRO B 206 -1.65 -17.11 -18.18
C PRO B 206 -0.46 -17.89 -18.70
N LEU B 207 0.75 -17.57 -18.22
CA LEU B 207 1.96 -18.27 -18.61
C LEU B 207 2.37 -19.34 -17.61
N SER B 208 1.48 -19.68 -16.67
CA SER B 208 1.86 -20.54 -15.56
C SER B 208 2.45 -21.86 -16.03
N LYS B 209 1.91 -22.44 -17.13
CA LYS B 209 2.44 -23.70 -17.63
C LYS B 209 3.81 -23.53 -18.29
N LEU B 210 4.04 -22.40 -18.96
CA LEU B 210 5.37 -22.13 -19.50
C LEU B 210 6.38 -21.89 -18.39
N VAL B 211 5.94 -21.33 -17.26
CA VAL B 211 6.84 -21.17 -16.12
C VAL B 211 7.35 -22.53 -15.68
N LEU B 212 6.44 -23.48 -15.45
CA LEU B 212 6.85 -24.80 -14.98
C LEU B 212 7.75 -25.48 -16.02
N LYS B 213 7.47 -25.29 -17.30
CA LYS B 213 8.32 -25.89 -18.32
C LYS B 213 9.72 -25.28 -18.29
N LYS B 214 9.81 -23.96 -18.16
CA LYS B 214 11.13 -23.33 -18.10
C LYS B 214 11.87 -23.74 -16.85
N PHE B 215 11.15 -23.89 -15.72
CA PHE B 215 11.80 -24.39 -14.51
C PHE B 215 12.35 -25.79 -14.73
N LYS B 216 11.58 -26.65 -15.41
CA LYS B 216 12.02 -28.02 -15.66
C LYS B 216 13.23 -28.06 -16.59
N GLU B 217 13.29 -27.15 -17.55
CA GLU B 217 14.46 -27.06 -18.43
C GLU B 217 15.67 -26.55 -17.66
N VAL B 218 15.50 -25.52 -16.82
CA VAL B 218 16.63 -24.97 -16.07
C VAL B 218 17.20 -26.03 -15.13
N ILE B 219 16.34 -26.84 -14.52
CA ILE B 219 16.81 -27.85 -13.59
C ILE B 219 17.58 -28.94 -14.34
N GLU B 220 17.02 -29.43 -15.44
CA GLU B 220 17.68 -30.48 -16.20
C GLU B 220 18.96 -29.97 -16.86
N LEU B 221 19.05 -28.69 -17.16
CA LEU B 221 20.31 -28.13 -17.64
C LEU B 221 21.37 -28.04 -16.54
N GLY B 222 21.01 -28.31 -15.30
CA GLY B 222 21.92 -28.08 -14.19
C GLY B 222 22.17 -26.62 -13.88
N LEU B 223 21.29 -25.73 -14.33
CA LEU B 223 21.57 -24.31 -14.21
C LEU B 223 21.00 -23.71 -12.93
N LEU B 224 20.03 -24.37 -12.31
CA LEU B 224 19.37 -23.78 -11.14
C LEU B 224 20.38 -23.52 -10.03
N GLU B 225 21.27 -24.49 -9.78
CA GLU B 225 22.28 -24.33 -8.75
C GLU B 225 23.35 -23.32 -9.13
N LYS B 226 23.44 -22.95 -10.41
CA LYS B 226 24.41 -21.96 -10.86
C LYS B 226 23.86 -20.53 -10.82
N ILE B 227 22.64 -20.35 -10.35
CA ILE B 227 22.01 -19.04 -10.24
C ILE B 227 22.11 -18.61 -8.78
N LYS B 228 22.91 -17.58 -8.52
CA LYS B 228 23.11 -17.07 -7.18
C LYS B 228 22.45 -15.72 -6.94
N MET B 229 22.02 -15.03 -8.00
CA MET B 229 21.36 -13.73 -7.91
C MET B 229 20.47 -13.57 -9.12
N ILE B 230 19.24 -13.11 -8.91
CA ILE B 230 18.31 -12.79 -9.99
C ILE B 230 18.14 -11.29 -10.02
N ALA B 231 18.54 -10.67 -11.11
CA ALA B 231 18.50 -9.22 -11.30
C ALA B 231 17.47 -8.91 -12.36
N PRO B 232 16.21 -8.72 -12.00
CA PRO B 232 15.15 -8.51 -12.99
C PRO B 232 15.19 -7.09 -13.52
N SER B 233 14.30 -6.79 -14.44
CA SER B 233 14.22 -5.49 -15.09
C SER B 233 13.27 -4.54 -14.38
N HIS B 234 12.58 -4.96 -13.32
CA HIS B 234 11.77 -4.07 -12.50
C HIS B 234 11.97 -4.43 -11.04
N GLY B 235 12.18 -3.41 -10.21
CA GLY B 235 12.20 -3.63 -8.78
C GLY B 235 13.52 -4.18 -8.23
N GLN B 236 13.39 -4.96 -7.15
CA GLN B 236 14.53 -5.38 -6.37
C GLN B 236 15.28 -6.52 -7.02
N ILE B 237 16.58 -6.53 -6.77
CA ILE B 237 17.45 -7.62 -7.17
C ILE B 237 17.40 -8.68 -6.09
N TRP B 238 17.19 -9.93 -6.48
CA TRP B 238 17.06 -11.04 -5.55
C TRP B 238 18.43 -11.60 -5.21
N THR B 239 18.89 -11.34 -3.99
CA THR B 239 20.06 -12.05 -3.46
C THR B 239 19.67 -13.42 -2.94
N ASP B 240 18.38 -13.71 -2.83
CA ASP B 240 17.85 -15.01 -2.44
C ASP B 240 17.00 -15.51 -3.59
N PRO B 241 17.63 -15.97 -4.68
CA PRO B 241 16.85 -16.36 -5.86
C PRO B 241 15.81 -17.45 -5.59
N MET B 242 16.10 -18.41 -4.70
CA MET B 242 15.14 -19.48 -4.45
C MET B 242 13.84 -18.97 -3.84
N LYS B 243 13.87 -17.81 -3.18
CA LYS B 243 12.65 -17.27 -2.58
C LYS B 243 11.64 -16.93 -3.66
N VAL B 244 12.09 -16.27 -4.74
CA VAL B 244 11.16 -15.90 -5.80
C VAL B 244 10.87 -17.07 -6.72
N ILE B 245 11.80 -18.00 -6.87
CA ILE B 245 11.51 -19.19 -7.66
C ILE B 245 10.46 -20.04 -6.95
N GLY B 246 10.57 -20.18 -5.63
CA GLY B 246 9.57 -20.88 -4.89
C GLY B 246 8.21 -20.21 -4.97
N ALA B 247 8.19 -18.89 -4.93
CA ALA B 247 6.93 -18.18 -5.08
C ALA B 247 6.29 -18.47 -6.43
N TYR B 248 7.06 -18.37 -7.51
CA TYR B 248 6.53 -18.68 -8.83
C TYR B 248 6.04 -20.12 -8.91
N GLN B 249 6.78 -21.05 -8.31
CA GLN B 249 6.33 -22.44 -8.28
C GLN B 249 4.97 -22.56 -7.61
N ASP B 250 4.80 -21.91 -6.46
CA ASP B 250 3.50 -21.92 -5.79
C ASP B 250 2.40 -21.33 -6.68
N PHE B 251 2.64 -20.14 -7.23
CA PHE B 251 1.61 -19.47 -8.01
C PHE B 251 1.25 -20.27 -9.27
N ALA B 252 2.22 -20.96 -9.85
CA ALA B 252 2.01 -21.71 -11.09
C ALA B 252 1.31 -23.04 -10.87
N THR B 253 1.23 -23.52 -9.62
CA THR B 253 0.61 -24.81 -9.32
C THR B 253 -0.65 -24.66 -8.47
N GLY B 254 -1.09 -23.44 -8.20
CA GLY B 254 -2.35 -23.24 -7.54
C GLY B 254 -2.34 -23.40 -6.05
N LYS B 255 -1.24 -23.03 -5.40
CA LYS B 255 -1.15 -23.08 -3.94
C LYS B 255 -1.82 -21.85 -3.36
N CYS B 256 -2.99 -22.01 -2.75
CA CYS B 256 -3.81 -20.91 -2.29
C CYS B 256 -4.07 -21.03 -0.80
N LYS B 257 -4.53 -19.91 -0.22
CA LYS B 257 -4.90 -19.87 1.18
C LYS B 257 -6.40 -20.08 1.36
N ASP B 258 -6.80 -20.33 2.62
CA ASP B 258 -8.21 -20.35 3.00
C ASP B 258 -8.71 -18.90 2.98
N LYS B 259 -9.07 -18.44 1.79
CA LYS B 259 -9.25 -17.03 1.51
C LYS B 259 -10.22 -16.89 0.36
N VAL B 260 -11.13 -15.91 0.47
CA VAL B 260 -12.11 -15.61 -0.56
C VAL B 260 -11.98 -14.14 -0.95
N THR B 261 -11.96 -13.87 -2.25
CA THR B 261 -12.00 -12.51 -2.77
C THR B 261 -13.43 -12.23 -3.25
N ILE B 262 -14.02 -11.16 -2.73
CA ILE B 262 -15.39 -10.77 -3.06
C ILE B 262 -15.33 -9.47 -3.83
N VAL B 263 -15.90 -9.46 -5.02
CA VAL B 263 -15.98 -8.29 -5.89
C VAL B 263 -17.43 -8.01 -6.21
N TYR B 264 -17.81 -6.72 -6.16
CA TYR B 264 -19.17 -6.35 -6.46
C TYR B 264 -19.23 -4.91 -6.96
N ASP B 265 -20.37 -4.57 -7.56
CA ASP B 265 -20.75 -3.19 -7.81
C ASP B 265 -22.19 -3.01 -7.38
N THR B 266 -22.60 -1.76 -7.21
CA THR B 266 -23.96 -1.48 -6.75
C THR B 266 -24.33 -0.07 -7.18
N MET B 267 -25.62 0.16 -7.39
CA MET B 267 -26.16 1.49 -7.63
C MET B 267 -26.86 2.01 -6.38
N HIS B 268 -27.71 1.19 -5.76
CA HIS B 268 -28.53 1.59 -4.62
C HIS B 268 -28.17 0.88 -3.33
N GLY B 269 -27.13 0.05 -3.33
CA GLY B 269 -26.59 -0.52 -2.12
C GLY B 269 -27.03 -1.92 -1.79
N SER B 270 -27.99 -2.48 -2.53
CA SER B 270 -28.52 -3.79 -2.18
C SER B 270 -27.50 -4.90 -2.43
N THR B 271 -26.82 -4.86 -3.57
CA THR B 271 -25.78 -5.85 -3.84
C THR B 271 -24.63 -5.71 -2.85
N GLN B 272 -24.36 -4.48 -2.42
CA GLN B 272 -23.35 -4.27 -1.39
C GLN B 272 -23.71 -4.95 -0.08
N LYS B 273 -24.97 -4.83 0.35
CA LYS B 273 -25.40 -5.50 1.57
C LYS B 273 -25.28 -7.01 1.44
N MET B 274 -25.64 -7.57 0.28
CA MET B 274 -25.46 -8.99 0.07
C MET B 274 -23.99 -9.38 0.18
N ALA B 275 -23.08 -8.62 -0.47
CA ALA B 275 -21.64 -8.92 -0.43
C ALA B 275 -21.11 -8.95 1.00
N HIS B 276 -21.47 -7.95 1.81
CA HIS B 276 -21.05 -7.95 3.21
C HIS B 276 -21.64 -9.13 3.98
N ALA B 277 -22.86 -9.56 3.64
CA ALA B 277 -23.48 -10.69 4.33
C ALA B 277 -22.80 -12.01 3.97
N PHE B 278 -22.44 -12.20 2.70
CA PHE B 278 -21.62 -13.34 2.32
C PHE B 278 -20.32 -13.39 3.10
N ALA B 279 -19.69 -12.22 3.29
CA ALA B 279 -18.44 -12.16 4.04
C ALA B 279 -18.63 -12.61 5.48
N GLU B 280 -19.70 -12.16 6.13
CA GLU B 280 -19.94 -12.57 7.51
C GLU B 280 -20.02 -14.08 7.62
N GLY B 281 -20.73 -14.74 6.70
CA GLY B 281 -20.80 -16.19 6.75
C GLY B 281 -19.45 -16.84 6.53
N ILE B 282 -18.67 -16.33 5.58
CA ILE B 282 -17.33 -16.88 5.34
C ILE B 282 -16.46 -16.72 6.58
N MET B 283 -16.50 -15.55 7.20
CA MET B 283 -15.67 -15.31 8.37
C MET B 283 -16.09 -16.18 9.56
N SER B 284 -17.36 -16.58 9.63
CA SER B 284 -17.80 -17.44 10.72
C SER B 284 -17.12 -18.79 10.70
N GLU B 285 -16.46 -19.14 9.60
CA GLU B 285 -15.70 -20.38 9.49
C GLU B 285 -14.20 -20.16 9.60
N GLY B 286 -13.76 -18.97 9.96
CA GLY B 286 -12.33 -18.69 10.03
C GLY B 286 -11.63 -18.50 8.69
N VAL B 287 -12.37 -18.24 7.62
CA VAL B 287 -11.82 -18.09 6.30
C VAL B 287 -11.65 -16.59 6.01
N ASP B 288 -10.55 -16.25 5.37
CA ASP B 288 -10.22 -14.85 5.16
C ASP B 288 -11.04 -14.27 4.00
N VAL B 289 -11.18 -12.96 4.01
CA VAL B 289 -12.00 -12.25 3.04
C VAL B 289 -11.28 -10.98 2.60
N LYS B 290 -11.26 -10.75 1.28
CA LYS B 290 -10.89 -9.47 0.68
C LYS B 290 -12.11 -8.96 -0.06
N MET B 291 -12.47 -7.69 0.18
CA MET B 291 -13.70 -7.08 -0.32
C MET B 291 -13.36 -5.94 -1.26
N TYR B 292 -13.86 -6.03 -2.48
CA TYR B 292 -13.59 -5.02 -3.50
C TYR B 292 -14.88 -4.48 -4.10
N PHE B 293 -14.92 -3.17 -4.26
CA PHE B 293 -16.06 -2.41 -4.75
C PHE B 293 -15.61 -1.75 -6.05
N LEU B 294 -16.14 -2.22 -7.16
CA LEU B 294 -15.63 -1.84 -8.46
C LEU B 294 -15.77 -0.34 -8.73
N HIS B 295 -16.65 0.35 -8.03
CA HIS B 295 -16.71 1.80 -8.18
C HIS B 295 -15.41 2.45 -7.77
N ASN B 296 -14.78 1.94 -6.70
CA ASN B 296 -13.60 2.55 -6.11
C ASN B 296 -12.29 1.81 -6.46
N ASP B 297 -12.35 0.51 -6.63
CA ASP B 297 -11.20 -0.36 -6.74
C ASP B 297 -11.02 -0.80 -8.19
N GLU B 298 -9.87 -1.38 -8.47
CA GLU B 298 -9.50 -1.65 -9.87
C GLU B 298 -8.91 -3.04 -10.00
N ARG B 299 -8.74 -3.44 -11.26
CA ARG B 299 -8.58 -4.85 -11.59
C ARG B 299 -7.27 -5.42 -11.06
N SER B 300 -6.21 -4.59 -10.96
CA SER B 300 -4.89 -5.14 -10.70
C SER B 300 -4.73 -5.60 -9.25
N GLU B 301 -5.34 -4.89 -8.31
CA GLU B 301 -5.35 -5.37 -6.94
C GLU B 301 -6.30 -6.54 -6.77
N ILE B 302 -7.39 -6.57 -7.52
CA ILE B 302 -8.35 -7.67 -7.41
C ILE B 302 -7.70 -8.99 -7.81
N VAL B 303 -7.00 -9.02 -8.94
CA VAL B 303 -6.44 -10.28 -9.42
C VAL B 303 -5.24 -10.69 -8.58
N LYS B 304 -4.57 -9.74 -7.96
CA LYS B 304 -3.52 -10.08 -6.99
C LYS B 304 -4.09 -11.00 -5.91
N ASP B 305 -5.23 -10.62 -5.34
CA ASP B 305 -5.80 -11.40 -4.26
C ASP B 305 -6.47 -12.65 -4.75
N ILE B 306 -7.00 -12.64 -5.98
CA ILE B 306 -7.53 -13.88 -6.53
C ILE B 306 -6.45 -14.94 -6.64
N LEU B 307 -5.20 -14.52 -6.92
CA LEU B 307 -4.15 -15.47 -7.23
C LEU B 307 -3.96 -16.48 -6.12
N ASP B 308 -4.04 -16.06 -4.87
CA ASP B 308 -3.93 -17.00 -3.76
C ASP B 308 -5.24 -17.14 -2.97
N SER B 309 -6.37 -16.87 -3.61
CA SER B 309 -7.69 -17.15 -3.04
C SER B 309 -8.21 -18.47 -3.59
N LYS B 310 -8.85 -19.26 -2.72
CA LYS B 310 -9.47 -20.49 -3.15
C LYS B 310 -10.88 -20.28 -3.74
N ALA B 311 -11.48 -19.11 -3.56
CA ALA B 311 -12.82 -18.85 -4.07
C ALA B 311 -12.96 -17.39 -4.42
N PHE B 312 -13.86 -17.10 -5.36
CA PHE B 312 -14.03 -15.77 -5.92
C PHE B 312 -15.51 -15.50 -6.11
N LEU B 313 -16.02 -14.48 -5.43
CA LEU B 313 -17.42 -14.08 -5.51
C LEU B 313 -17.56 -12.81 -6.34
N LEU B 314 -18.57 -12.78 -7.21
CA LEU B 314 -18.82 -11.63 -8.07
C LEU B 314 -20.32 -11.31 -8.08
N GLY B 315 -20.64 -10.06 -7.77
CA GLY B 315 -22.03 -9.62 -7.70
C GLY B 315 -22.24 -8.25 -8.31
N ALA B 316 -23.43 -8.06 -8.87
CA ALA B 316 -23.80 -6.81 -9.52
C ALA B 316 -25.30 -6.75 -9.73
N PRO B 317 -25.89 -5.56 -9.70
CA PRO B 317 -27.32 -5.46 -10.00
C PRO B 317 -27.58 -5.63 -11.47
N THR B 318 -28.84 -5.94 -11.80
CA THR B 318 -29.27 -6.05 -13.19
C THR B 318 -29.71 -4.67 -13.69
N ILE B 319 -29.23 -4.30 -14.88
CA ILE B 319 -29.56 -3.01 -15.48
C ILE B 319 -29.83 -3.27 -16.96
N TYR B 320 -31.07 -3.04 -17.39
CA TYR B 320 -31.55 -3.33 -18.74
C TYR B 320 -31.08 -4.71 -19.20
N ASP B 321 -31.42 -5.71 -18.39
CA ASP B 321 -31.26 -7.13 -18.64
C ASP B 321 -29.82 -7.62 -18.51
N GLU B 322 -28.87 -6.74 -18.23
CA GLU B 322 -27.46 -7.10 -18.15
C GLU B 322 -26.91 -6.75 -16.77
N PRO B 323 -25.82 -7.39 -16.36
CA PRO B 323 -25.17 -6.97 -15.12
C PRO B 323 -24.58 -5.58 -15.31
N PHE B 324 -24.43 -4.87 -14.21
CA PHE B 324 -23.85 -3.54 -14.26
C PHE B 324 -22.50 -3.57 -15.01
N PRO B 325 -22.27 -2.64 -15.93
CA PRO B 325 -21.21 -2.82 -16.92
C PRO B 325 -19.80 -2.90 -16.36
N SER B 326 -19.56 -2.43 -15.13
CA SER B 326 -18.20 -2.44 -14.61
C SER B 326 -17.64 -3.86 -14.53
N VAL B 327 -18.50 -4.87 -14.40
CA VAL B 327 -17.99 -6.22 -14.32
C VAL B 327 -17.39 -6.68 -15.65
N GLY B 328 -17.80 -6.08 -16.78
CA GLY B 328 -17.25 -6.47 -18.06
C GLY B 328 -15.76 -6.24 -18.17
N ASP B 329 -15.26 -5.19 -17.53
CA ASP B 329 -13.83 -4.92 -17.55
C ASP B 329 -13.07 -6.05 -16.87
N LEU B 330 -13.47 -6.39 -15.64
CA LEU B 330 -12.79 -7.45 -14.90
C LEU B 330 -12.90 -8.79 -15.61
N ILE B 331 -14.08 -9.09 -16.14
CA ILE B 331 -14.28 -10.35 -16.83
C ILE B 331 -13.35 -10.45 -18.04
N TYR B 332 -13.23 -9.38 -18.81
CA TYR B 332 -12.33 -9.41 -19.97
C TYR B 332 -10.89 -9.59 -19.53
N TYR B 333 -10.53 -9.04 -18.36
CA TYR B 333 -9.18 -9.24 -17.83
C TYR B 333 -8.96 -10.68 -17.40
N LEU B 334 -9.96 -11.26 -16.73
CA LEU B 334 -9.85 -12.64 -16.29
C LEU B 334 -9.84 -13.61 -17.47
N LYS B 335 -10.50 -13.26 -18.56
CA LYS B 335 -10.44 -14.11 -19.74
C LYS B 335 -9.03 -14.13 -20.32
N GLY B 336 -8.29 -13.03 -20.21
CA GLY B 336 -6.90 -13.03 -20.66
C GLY B 336 -5.94 -13.68 -19.69
N LEU B 337 -6.21 -13.57 -18.39
CA LEU B 337 -5.28 -14.09 -17.40
C LEU B 337 -5.42 -15.58 -17.21
N LYS B 338 -6.62 -16.13 -17.39
CA LYS B 338 -6.87 -17.57 -17.33
CA LYS B 338 -6.88 -17.57 -17.33
C LYS B 338 -6.28 -18.19 -16.07
N PHE B 339 -6.96 -17.95 -14.96
CA PHE B 339 -6.46 -18.47 -13.68
C PHE B 339 -6.52 -20.00 -13.60
N ASN B 340 -7.34 -20.64 -14.44
CA ASN B 340 -7.37 -22.10 -14.45
C ASN B 340 -6.04 -22.70 -14.92
N ARG B 341 -5.22 -21.92 -15.62
CA ARG B 341 -3.92 -22.43 -16.05
C ARG B 341 -2.96 -22.63 -14.89
N THR B 342 -3.30 -22.15 -13.68
CA THR B 342 -2.49 -22.44 -12.51
C THR B 342 -2.68 -23.87 -12.01
N GLY B 343 -3.61 -24.61 -12.61
CA GLY B 343 -3.91 -25.96 -12.17
C GLY B 343 -5.06 -26.08 -11.18
N LEU B 344 -5.71 -24.97 -10.85
CA LEU B 344 -6.80 -24.97 -9.88
C LEU B 344 -8.00 -24.27 -10.48
N LYS B 345 -9.18 -24.86 -10.34
CA LYS B 345 -10.44 -24.22 -10.70
C LYS B 345 -11.04 -23.65 -9.41
N ARG B 346 -10.80 -22.36 -9.16
CA ARG B 346 -11.26 -21.75 -7.93
C ARG B 346 -12.78 -21.72 -7.88
N LEU B 347 -13.32 -21.88 -6.68
CA LEU B 347 -14.75 -21.86 -6.48
C LEU B 347 -15.29 -20.44 -6.67
N ALA B 348 -16.58 -20.35 -6.95
CA ALA B 348 -17.17 -19.05 -7.22
C ALA B 348 -18.67 -19.07 -6.96
N LEU B 349 -19.21 -17.90 -6.59
CA LEU B 349 -20.65 -17.65 -6.52
C LEU B 349 -20.97 -16.36 -7.26
N ALA B 350 -22.12 -16.30 -7.91
CA ALA B 350 -22.63 -15.11 -8.55
C ALA B 350 -23.86 -14.64 -7.79
N PHE B 351 -24.02 -13.33 -7.65
CA PHE B 351 -25.13 -12.78 -6.88
C PHE B 351 -25.47 -11.36 -7.36
N GLY B 352 -26.60 -10.86 -6.89
CA GLY B 352 -27.01 -9.51 -7.22
C GLY B 352 -28.47 -9.27 -6.89
N SER B 353 -28.86 -8.02 -6.96
CA SER B 353 -30.23 -7.59 -6.78
C SER B 353 -30.81 -7.20 -8.12
N MET B 354 -32.13 -7.22 -8.19
CA MET B 354 -32.83 -6.90 -9.46
C MET B 354 -34.18 -6.25 -9.12
N GLY B 355 -34.80 -5.67 -10.13
CA GLY B 355 -36.03 -4.94 -9.92
C GLY B 355 -37.15 -5.33 -10.88
N GLY B 356 -36.87 -6.27 -11.77
CA GLY B 356 -37.83 -6.65 -12.76
C GLY B 356 -37.72 -8.09 -13.19
N ASN B 357 -37.26 -8.34 -14.42
CA ASN B 357 -37.06 -9.70 -14.90
C ASN B 357 -35.73 -10.31 -14.48
N GLY B 358 -34.81 -9.52 -13.95
CA GLY B 358 -33.54 -10.07 -13.53
C GLY B 358 -32.70 -10.58 -14.69
N GLY B 359 -31.82 -11.53 -14.37
CA GLY B 359 -30.96 -12.17 -15.34
C GLY B 359 -29.51 -11.81 -15.22
N GLY B 360 -29.17 -10.77 -14.48
CA GLY B 360 -27.78 -10.38 -14.36
C GLY B 360 -26.92 -11.46 -13.74
N THR B 361 -27.44 -12.13 -12.70
CA THR B 361 -26.68 -13.18 -12.03
C THR B 361 -26.44 -14.36 -12.95
N LYS B 362 -27.44 -14.72 -13.77
CA LYS B 362 -27.25 -15.74 -14.79
C LYS B 362 -26.05 -15.41 -15.68
N VAL B 363 -25.96 -14.17 -16.14
CA VAL B 363 -24.86 -13.80 -17.01
C VAL B 363 -23.54 -13.93 -16.25
N LEU B 364 -23.49 -13.43 -15.00
CA LEU B 364 -22.25 -13.51 -14.24
C LEU B 364 -21.79 -14.95 -14.10
N ALA B 365 -22.73 -15.85 -13.82
CA ALA B 365 -22.39 -17.27 -13.67
C ALA B 365 -21.79 -17.83 -14.96
N GLU B 366 -22.37 -17.49 -16.10
CA GLU B 366 -21.82 -17.96 -17.37
C GLU B 366 -20.41 -17.45 -17.57
N LYS B 367 -20.15 -16.17 -17.24
CA LYS B 367 -18.84 -15.60 -17.49
C LYS B 367 -17.82 -16.14 -16.51
N LEU B 368 -18.21 -16.31 -15.26
CA LEU B 368 -17.30 -16.94 -14.30
C LEU B 368 -16.85 -18.31 -14.77
N LYS B 369 -17.74 -19.05 -15.43
CA LYS B 369 -17.38 -20.35 -15.98
C LYS B 369 -16.43 -20.21 -17.16
N GLU B 370 -16.71 -19.27 -18.08
CA GLU B 370 -15.80 -19.04 -19.19
C GLU B 370 -14.42 -18.63 -18.71
N CYS B 371 -14.32 -18.02 -17.54
CA CYS B 371 -13.03 -17.58 -17.02
C CYS B 371 -12.31 -18.65 -16.22
N GLY B 372 -12.89 -19.84 -16.09
CA GLY B 372 -12.22 -20.94 -15.46
C GLY B 372 -12.55 -21.19 -14.01
N PHE B 373 -13.58 -20.56 -13.47
CA PHE B 373 -13.99 -20.80 -12.10
C PHE B 373 -15.07 -21.88 -12.04
N GLU B 374 -15.16 -22.54 -10.89
CA GLU B 374 -16.18 -23.57 -10.64
C GLU B 374 -17.33 -22.91 -9.88
N VAL B 375 -18.37 -22.51 -10.62
CA VAL B 375 -19.48 -21.80 -10.01
C VAL B 375 -20.34 -22.79 -9.26
N LEU B 376 -20.52 -22.58 -7.96
CA LEU B 376 -21.30 -23.49 -7.15
C LEU B 376 -22.76 -23.06 -7.02
N ASP B 377 -23.06 -21.78 -7.10
CA ASP B 377 -24.45 -21.34 -6.93
C ASP B 377 -24.63 -19.92 -7.46
N GLU B 378 -25.88 -19.52 -7.56
CA GLU B 378 -26.30 -18.17 -7.90
C GLU B 378 -27.31 -17.72 -6.86
N TYR B 379 -27.38 -16.41 -6.61
CA TYR B 379 -28.44 -15.88 -5.75
C TYR B 379 -28.79 -14.47 -6.20
N GLU B 380 -29.99 -14.33 -6.73
CA GLU B 380 -30.56 -13.06 -7.16
C GLU B 380 -31.81 -12.79 -6.35
N LEU B 381 -31.98 -11.56 -5.88
CA LEU B 381 -33.13 -11.17 -5.07
C LEU B 381 -33.71 -9.84 -5.54
N TYR B 382 -34.88 -9.50 -4.98
CA TYR B 382 -35.69 -8.35 -5.38
C TYR B 382 -35.37 -7.15 -4.49
N TYR B 383 -34.88 -6.08 -5.11
CA TYR B 383 -34.64 -4.78 -4.46
C TYR B 383 -33.87 -5.00 -3.15
N VAL B 384 -34.36 -4.48 -2.02
CA VAL B 384 -33.53 -4.40 -0.81
C VAL B 384 -33.62 -5.73 -0.08
N PRO B 385 -32.50 -6.34 0.31
CA PRO B 385 -32.56 -7.62 1.02
C PRO B 385 -33.32 -7.49 2.33
N THR B 386 -34.17 -8.49 2.62
CA THR B 386 -34.77 -8.60 3.94
C THR B 386 -33.75 -9.18 4.92
N GLU B 387 -34.12 -9.20 6.20
CA GLU B 387 -33.29 -9.84 7.22
C GLU B 387 -33.03 -11.30 6.86
N ASP B 388 -34.08 -12.03 6.47
CA ASP B 388 -33.92 -13.44 6.14
C ASP B 388 -33.02 -13.63 4.92
N GLU B 389 -33.12 -12.73 3.95
CA GLU B 389 -32.33 -12.88 2.73
C GLU B 389 -30.85 -12.64 3.00
N LEU B 390 -30.52 -11.72 3.90
CA LEU B 390 -29.13 -11.57 4.31
C LEU B 390 -28.67 -12.80 5.08
N GLU B 391 -29.56 -13.45 5.83
CA GLU B 391 -29.18 -14.69 6.50
C GLU B 391 -28.91 -15.80 5.50
N LYS B 392 -29.64 -15.82 4.38
CA LYS B 392 -29.34 -16.78 3.33
C LYS B 392 -27.96 -16.52 2.72
N CYS B 393 -27.62 -15.25 2.48
CA CYS B 393 -26.27 -14.94 2.02
C CYS B 393 -25.23 -15.44 3.03
N TYR B 394 -25.45 -15.15 4.31
CA TYR B 394 -24.57 -15.65 5.36
C TYR B 394 -24.44 -17.16 5.28
N ASN B 395 -25.57 -17.87 5.19
CA ASN B 395 -25.53 -19.33 5.13
C ASN B 395 -24.76 -19.81 3.92
N MET B 396 -24.97 -19.18 2.76
CA MET B 396 -24.26 -19.58 1.56
C MET B 396 -22.77 -19.34 1.73
N GLY B 397 -22.39 -18.20 2.30
CA GLY B 397 -20.98 -17.95 2.55
C GLY B 397 -20.35 -18.98 3.44
N LYS B 398 -21.06 -19.38 4.48
CA LYS B 398 -20.58 -20.37 5.46
C LYS B 398 -20.35 -21.70 4.77
N ARG B 399 -21.30 -22.14 3.97
CA ARG B 399 -21.18 -23.41 3.26
C ARG B 399 -20.03 -23.36 2.27
N LEU B 400 -19.87 -22.22 1.59
CA LEU B 400 -18.72 -22.07 0.70
C LEU B 400 -17.43 -22.17 1.50
N ALA B 401 -17.37 -21.50 2.66
CA ALA B 401 -16.15 -21.49 3.45
C ALA B 401 -15.77 -22.89 3.91
N VAL B 402 -16.78 -23.73 4.18
CA VAL B 402 -16.52 -25.11 4.55
C VAL B 402 -15.87 -25.85 3.38
N LYS B 403 -16.41 -25.66 2.17
CA LYS B 403 -15.82 -26.29 1.00
C LYS B 403 -14.40 -25.78 0.75
N VAL B 404 -14.19 -24.48 0.95
CA VAL B 404 -12.86 -23.91 0.77
C VAL B 404 -11.84 -24.64 1.64
N LYS B 405 -12.18 -24.87 2.91
CA LYS B 405 -11.26 -25.52 3.83
C LYS B 405 -11.06 -27.01 3.53
N GLU B 406 -12.01 -27.64 2.84
CA GLU B 406 -11.86 -29.03 2.44
C GLU B 406 -11.04 -29.20 1.16
N MET B 407 -10.91 -28.15 0.36
CA MET B 407 -10.06 -28.20 -0.84
C MET B 407 -8.59 -28.30 -0.46
N LYS B 408 -7.90 -29.32 -0.96
CA LYS B 408 -6.54 -29.59 -0.54
C LYS B 408 -5.58 -28.60 -1.18
N THR B 409 -4.67 -28.05 -0.36
CA THR B 409 -3.77 -26.96 -0.75
C THR B 409 -2.72 -27.46 -1.73
N GLU B 410 -2.91 -27.17 -3.02
CA GLU B 410 -1.94 -27.55 -4.04
C GLU B 410 -0.63 -26.77 -3.91
#